data_1XRW
# 
_entry.id   1XRW 
# 
_audit_conform.dict_name       mmcif_pdbx.dic 
_audit_conform.dict_version    5.391 
_audit_conform.dict_location   http://mmcif.pdb.org/dictionaries/ascii/mmcif_pdbx.dic 
# 
loop_
_database_2.database_id 
_database_2.database_code 
_database_2.pdbx_database_accession 
_database_2.pdbx_DOI 
PDB   1XRW         pdb_00001xrw 10.2210/pdb1xrw/pdb 
RCSB  RCSB030695   ?            ?                   
WWPDB D_1000030695 ?            ?                   
# 
loop_
_pdbx_audit_revision_history.ordinal 
_pdbx_audit_revision_history.data_content_type 
_pdbx_audit_revision_history.major_revision 
_pdbx_audit_revision_history.minor_revision 
_pdbx_audit_revision_history.revision_date 
1 'Structure model' 1 0 2005-05-03 
2 'Structure model' 1 1 2008-04-30 
3 'Structure model' 1 2 2011-07-13 
4 'Structure model' 1 3 2016-04-20 
5 'Structure model' 1 4 2024-05-01 
# 
_pdbx_audit_revision_details.ordinal             1 
_pdbx_audit_revision_details.revision_ordinal    1 
_pdbx_audit_revision_details.data_content_type   'Structure model' 
_pdbx_audit_revision_details.provider            repository 
_pdbx_audit_revision_details.type                'Initial release' 
_pdbx_audit_revision_details.description         ? 
_pdbx_audit_revision_details.details             ? 
# 
loop_
_pdbx_audit_revision_group.ordinal 
_pdbx_audit_revision_group.revision_ordinal 
_pdbx_audit_revision_group.data_content_type 
_pdbx_audit_revision_group.group 
1 2 'Structure model' 'Version format compliance' 
2 3 'Structure model' 'Version format compliance' 
3 4 'Structure model' 'Atomic model'              
4 4 'Structure model' 'Non-polymer description'   
5 5 'Structure model' 'Data collection'           
6 5 'Structure model' 'Database references'       
7 5 'Structure model' 'Derived calculations'      
# 
loop_
_pdbx_audit_revision_category.ordinal 
_pdbx_audit_revision_category.revision_ordinal 
_pdbx_audit_revision_category.data_content_type 
_pdbx_audit_revision_category.category 
1 5 'Structure model' chem_comp_atom    
2 5 'Structure model' chem_comp_bond    
3 5 'Structure model' database_2        
4 5 'Structure model' pdbx_nmr_software 
5 5 'Structure model' struct_site       
# 
loop_
_pdbx_audit_revision_item.ordinal 
_pdbx_audit_revision_item.revision_ordinal 
_pdbx_audit_revision_item.data_content_type 
_pdbx_audit_revision_item.item 
1 5 'Structure model' '_database_2.pdbx_DOI'                
2 5 'Structure model' '_database_2.pdbx_database_accession' 
3 5 'Structure model' '_pdbx_nmr_software.name'             
4 5 'Structure model' '_struct_site.pdbx_auth_asym_id'      
5 5 'Structure model' '_struct_site.pdbx_auth_comp_id'      
6 5 'Structure model' '_struct_site.pdbx_auth_seq_id'       
# 
_pdbx_database_status.status_code                     REL 
_pdbx_database_status.entry_id                        1XRW 
_pdbx_database_status.recvd_initial_deposition_date   2004-10-16 
_pdbx_database_status.deposit_site                    RCSB 
_pdbx_database_status.process_site                    RCSB 
_pdbx_database_status.status_code_sf                  ? 
_pdbx_database_status.status_code_mr                  REL 
_pdbx_database_status.SG_entry                        ? 
_pdbx_database_status.status_code_cs                  ? 
_pdbx_database_status.pdb_format_compatible           Y 
_pdbx_database_status.status_code_nmr_data            ? 
_pdbx_database_status.methods_development_category    ? 
# 
loop_
_audit_author.name 
_audit_author.pdbx_ordinal 
'Baruah, H.'   1 
'Wright, M.W.' 2 
'Bierbach, U.' 3 
# 
_citation.id                        primary 
_citation.title                     
'Solution Structural Study of a DNA Duplex Containing the Guanine-N7 Adduct Formed by a Cytotoxic Platinum-Acridine Hybrid Agent' 
_citation.journal_abbrev            Biochemistry 
_citation.journal_volume            44 
_citation.page_first                6059 
_citation.page_last                 6070 
_citation.year                      2005 
_citation.journal_id_ASTM           BICHAW 
_citation.country                   US 
_citation.journal_id_ISSN           0006-2960 
_citation.journal_id_CSD            0033 
_citation.book_publisher            ? 
_citation.pdbx_database_id_PubMed   15835895 
_citation.pdbx_database_id_DOI      10.1021/bi050021b 
# 
loop_
_citation_author.citation_id 
_citation_author.name 
_citation_author.ordinal 
_citation_author.identifier_ORCID 
primary 'Baruah, H.'   1 ? 
primary 'Wright, M.W.' 2 ? 
primary 'Bierbach, U.' 3 ? 
# 
loop_
_entity.id 
_entity.type 
_entity.src_method 
_entity.pdbx_description 
_entity.formula_weight 
_entity.pdbx_number_of_molecules 
_entity.pdbx_ec 
_entity.pdbx_mutation 
_entity.pdbx_fragment 
_entity.details 
1 polymer     syn "5'-D(*CP*CP*TP*CP*GP*TP*CP*C)-3'"                                                    2338.543 1 ? ? ? ? 
2 polymer     syn "5'-D(*GP*GP*AP*CP*GP*AP*GP*G)-3'"                                                    2516.667 1 ? ? ? ? 
3 non-polymer syn '1-[2-(ACRIDIN-9-YLAMINO)ETHYL]-1,3-DIMETHYLTHIOUREA-PLATINUM(II)-ETHANE-1,2-DIAMINE' 580.627  1 ? ? ? ? 
# 
loop_
_entity_poly.entity_id 
_entity_poly.type 
_entity_poly.nstd_linkage 
_entity_poly.nstd_monomer 
_entity_poly.pdbx_seq_one_letter_code 
_entity_poly.pdbx_seq_one_letter_code_can 
_entity_poly.pdbx_strand_id 
_entity_poly.pdbx_target_identifier 
1 polydeoxyribonucleotide no no '(DC)(DC)(DT)(DC)(DG)(DT)(DC)(DC)' CCTCGTCC A ? 
2 polydeoxyribonucleotide no no '(DG)(DG)(DA)(DC)(DG)(DA)(DG)(DG)' GGACGAGG B ? 
# 
_pdbx_entity_nonpoly.entity_id   3 
_pdbx_entity_nonpoly.name        '1-[2-(ACRIDIN-9-YLAMINO)ETHYL]-1,3-DIMETHYLTHIOUREA-PLATINUM(II)-ETHANE-1,2-DIAMINE' 
_pdbx_entity_nonpoly.comp_id     2PT 
# 
loop_
_entity_poly_seq.entity_id 
_entity_poly_seq.num 
_entity_poly_seq.mon_id 
_entity_poly_seq.hetero 
1 1 DC n 
1 2 DC n 
1 3 DT n 
1 4 DC n 
1 5 DG n 
1 6 DT n 
1 7 DC n 
1 8 DC n 
2 1 DG n 
2 2 DG n 
2 3 DA n 
2 4 DC n 
2 5 DG n 
2 6 DA n 
2 7 DG n 
2 8 DG n 
# 
loop_
_chem_comp.id 
_chem_comp.type 
_chem_comp.mon_nstd_flag 
_chem_comp.name 
_chem_comp.pdbx_synonyms 
_chem_comp.formula 
_chem_comp.formula_weight 
2PT non-polymer   . '1-[2-(ACRIDIN-9-YLAMINO)ETHYL]-1,3-DIMETHYLTHIOUREA-PLATINUM(II)-ETHANE-1,2-DIAMINE' ? 'C20 H29 N6 Pt S 3' 
580.627 
DA  'DNA linking' y "2'-DEOXYADENOSINE-5'-MONOPHOSPHATE"                                                  ? 'C10 H14 N5 O6 P'   
331.222 
DC  'DNA linking' y "2'-DEOXYCYTIDINE-5'-MONOPHOSPHATE"                                                   ? 'C9 H14 N3 O7 P'    
307.197 
DG  'DNA linking' y "2'-DEOXYGUANOSINE-5'-MONOPHOSPHATE"                                                  ? 'C10 H14 N5 O7 P'   
347.221 
DT  'DNA linking' y "THYMIDINE-5'-MONOPHOSPHATE"                                                          ? 'C10 H15 N2 O8 P'   
322.208 
# 
loop_
_pdbx_poly_seq_scheme.asym_id 
_pdbx_poly_seq_scheme.entity_id 
_pdbx_poly_seq_scheme.seq_id 
_pdbx_poly_seq_scheme.mon_id 
_pdbx_poly_seq_scheme.ndb_seq_num 
_pdbx_poly_seq_scheme.pdb_seq_num 
_pdbx_poly_seq_scheme.auth_seq_num 
_pdbx_poly_seq_scheme.pdb_mon_id 
_pdbx_poly_seq_scheme.auth_mon_id 
_pdbx_poly_seq_scheme.pdb_strand_id 
_pdbx_poly_seq_scheme.pdb_ins_code 
_pdbx_poly_seq_scheme.hetero 
A 1 1 DC 1 1 1 DC CYT A . n 
A 1 2 DC 2 2 2 DC CYT A . n 
A 1 3 DT 3 3 3 DT THY A . n 
A 1 4 DC 4 4 4 DC CYT A . n 
A 1 5 DG 5 5 5 DG GUA A . n 
A 1 6 DT 6 6 6 DT THY A . n 
A 1 7 DC 7 7 7 DC CYT A . n 
A 1 8 DC 8 8 8 DC CYT A . n 
B 2 1 DG 1 1 1 DG GUA B . n 
B 2 2 DG 2 2 2 DG GUA B . n 
B 2 3 DA 3 3 3 DA ADE B . n 
B 2 4 DC 4 4 4 DC CYT B . n 
B 2 5 DG 5 5 5 DG GUA B . n 
B 2 6 DA 6 6 6 DA ADE B . n 
B 2 7 DG 7 7 7 DG GUA B . n 
B 2 8 DG 8 8 8 DG GUA B . n 
# 
_pdbx_nonpoly_scheme.asym_id         C 
_pdbx_nonpoly_scheme.entity_id       3 
_pdbx_nonpoly_scheme.mon_id          2PT 
_pdbx_nonpoly_scheme.ndb_seq_num     1 
_pdbx_nonpoly_scheme.pdb_seq_num     20 
_pdbx_nonpoly_scheme.auth_seq_num    20 
_pdbx_nonpoly_scheme.pdb_mon_id      2PT 
_pdbx_nonpoly_scheme.auth_mon_id     ACR 
_pdbx_nonpoly_scheme.pdb_strand_id   B 
_pdbx_nonpoly_scheme.pdb_ins_code    . 
# 
_exptl.entry_id          1XRW 
_exptl.method            'SOLUTION NMR' 
_exptl.crystals_number   ? 
# 
_exptl_crystal.id                    1 
_exptl_crystal.density_meas          ? 
_exptl_crystal.density_Matthews      ? 
_exptl_crystal.density_percent_sol   ? 
_exptl_crystal.description           ? 
_exptl_crystal.F_000                 ? 
_exptl_crystal.preparation           ? 
# 
_diffrn.id                     1 
_diffrn.ambient_temp           ? 
_diffrn.ambient_temp_details   ? 
_diffrn.crystal_id             1 
# 
_diffrn_radiation.diffrn_id                        1 
_diffrn_radiation.wavelength_id                    1 
_diffrn_radiation.pdbx_monochromatic_or_laue_m_l   M 
_diffrn_radiation.monochromator                    ? 
_diffrn_radiation.pdbx_diffrn_protocol             'SINGLE WAVELENGTH' 
_diffrn_radiation.pdbx_scattering_type             x-ray 
# 
_diffrn_radiation_wavelength.id           1 
_diffrn_radiation_wavelength.wavelength   . 
_diffrn_radiation_wavelength.wt           1.0 
# 
_struct.entry_id                  1XRW 
_struct.title                     'Solution Structure of a Platinum-Acridine Modified Octamer' 
_struct.pdbx_model_details        ? 
_struct.pdbx_CASP_flag            ? 
_struct.pdbx_model_type_details   'minimized average' 
# 
_struct_keywords.entry_id        1XRW 
_struct_keywords.pdbx_keywords   DNA 
_struct_keywords.text            'platinum, acridine, dual binding mode, major groove, unwinding, DNA' 
# 
loop_
_struct_asym.id 
_struct_asym.pdbx_blank_PDB_chainid_flag 
_struct_asym.pdbx_modified 
_struct_asym.entity_id 
_struct_asym.details 
A N N 1 ? 
B N N 2 ? 
C N N 3 ? 
# 
loop_
_struct_ref.id 
_struct_ref.entity_id 
_struct_ref.db_name 
_struct_ref.db_code 
_struct_ref.pdbx_db_accession 
_struct_ref.pdbx_db_isoform 
_struct_ref.pdbx_seq_one_letter_code 
_struct_ref.pdbx_align_begin 
1 1 PDB 1XRW 1XRW ? ? ? 
2 2 PDB 1XRW 1XRW ? ? ? 
# 
loop_
_struct_ref_seq.align_id 
_struct_ref_seq.ref_id 
_struct_ref_seq.pdbx_PDB_id_code 
_struct_ref_seq.pdbx_strand_id 
_struct_ref_seq.seq_align_beg 
_struct_ref_seq.pdbx_seq_align_beg_ins_code 
_struct_ref_seq.seq_align_end 
_struct_ref_seq.pdbx_seq_align_end_ins_code 
_struct_ref_seq.pdbx_db_accession 
_struct_ref_seq.db_align_beg 
_struct_ref_seq.pdbx_db_align_beg_ins_code 
_struct_ref_seq.db_align_end 
_struct_ref_seq.pdbx_db_align_end_ins_code 
_struct_ref_seq.pdbx_auth_seq_align_beg 
_struct_ref_seq.pdbx_auth_seq_align_end 
1 1 1XRW A 1 ? 8 ? 1XRW 1 ? 8 ? 1 8 
2 2 1XRW B 1 ? 8 ? 1XRW 1 ? 8 ? 1 8 
# 
_pdbx_struct_assembly.id                   1 
_pdbx_struct_assembly.details              author_defined_assembly 
_pdbx_struct_assembly.method_details       ? 
_pdbx_struct_assembly.oligomeric_details   dimeric 
_pdbx_struct_assembly.oligomeric_count     2 
# 
_pdbx_struct_assembly_gen.assembly_id       1 
_pdbx_struct_assembly_gen.oper_expression   1 
_pdbx_struct_assembly_gen.asym_id_list      A,B,C 
# 
_pdbx_struct_oper_list.id                   1 
_pdbx_struct_oper_list.type                 'identity operation' 
_pdbx_struct_oper_list.name                 1_555 
_pdbx_struct_oper_list.symmetry_operation   x,y,z 
_pdbx_struct_oper_list.matrix[1][1]         1.0000000000 
_pdbx_struct_oper_list.matrix[1][2]         0.0000000000 
_pdbx_struct_oper_list.matrix[1][3]         0.0000000000 
_pdbx_struct_oper_list.vector[1]            0.0000000000 
_pdbx_struct_oper_list.matrix[2][1]         0.0000000000 
_pdbx_struct_oper_list.matrix[2][2]         1.0000000000 
_pdbx_struct_oper_list.matrix[2][3]         0.0000000000 
_pdbx_struct_oper_list.vector[2]            0.0000000000 
_pdbx_struct_oper_list.matrix[3][1]         0.0000000000 
_pdbx_struct_oper_list.matrix[3][2]         0.0000000000 
_pdbx_struct_oper_list.matrix[3][3]         1.0000000000 
_pdbx_struct_oper_list.vector[3]            0.0000000000 
# 
_struct_biol.id   1 
# 
loop_
_struct_conn.id 
_struct_conn.conn_type_id 
_struct_conn.pdbx_leaving_atom_flag 
_struct_conn.pdbx_PDB_id 
_struct_conn.ptnr1_label_asym_id 
_struct_conn.ptnr1_label_comp_id 
_struct_conn.ptnr1_label_seq_id 
_struct_conn.ptnr1_label_atom_id 
_struct_conn.pdbx_ptnr1_label_alt_id 
_struct_conn.pdbx_ptnr1_PDB_ins_code 
_struct_conn.pdbx_ptnr1_standard_comp_id 
_struct_conn.ptnr1_symmetry 
_struct_conn.ptnr2_label_asym_id 
_struct_conn.ptnr2_label_comp_id 
_struct_conn.ptnr2_label_seq_id 
_struct_conn.ptnr2_label_atom_id 
_struct_conn.pdbx_ptnr2_label_alt_id 
_struct_conn.pdbx_ptnr2_PDB_ins_code 
_struct_conn.ptnr1_auth_asym_id 
_struct_conn.ptnr1_auth_comp_id 
_struct_conn.ptnr1_auth_seq_id 
_struct_conn.ptnr2_auth_asym_id 
_struct_conn.ptnr2_auth_comp_id 
_struct_conn.ptnr2_auth_seq_id 
_struct_conn.ptnr2_symmetry 
_struct_conn.pdbx_ptnr3_label_atom_id 
_struct_conn.pdbx_ptnr3_label_seq_id 
_struct_conn.pdbx_ptnr3_label_comp_id 
_struct_conn.pdbx_ptnr3_label_asym_id 
_struct_conn.pdbx_ptnr3_label_alt_id 
_struct_conn.pdbx_ptnr3_PDB_ins_code 
_struct_conn.details 
_struct_conn.pdbx_dist_value 
_struct_conn.pdbx_value_order 
_struct_conn.pdbx_role 
metalc1  metalc ? ? A DG 5 N7 ? ? ? 1_555 C 2PT . PT ? ? A DG 5 B 2PT 20 1_555 ? ? ? ? ? ? ?            2.035 ? ? 
hydrog1  hydrog ? ? A DC 1 N3 ? ? ? 1_555 B DG  8 N1 ? ? A DC 1 B DG  8  1_555 ? ? ? ? ? ? WATSON-CRICK ?     ? ? 
hydrog2  hydrog ? ? A DC 1 N4 ? ? ? 1_555 B DG  8 O6 ? ? A DC 1 B DG  8  1_555 ? ? ? ? ? ? WATSON-CRICK ?     ? ? 
hydrog3  hydrog ? ? A DC 1 O2 ? ? ? 1_555 B DG  8 N2 ? ? A DC 1 B DG  8  1_555 ? ? ? ? ? ? WATSON-CRICK ?     ? ? 
hydrog4  hydrog ? ? A DC 2 N3 ? ? ? 1_555 B DG  7 N1 ? ? A DC 2 B DG  7  1_555 ? ? ? ? ? ? WATSON-CRICK ?     ? ? 
hydrog5  hydrog ? ? A DC 2 N4 ? ? ? 1_555 B DG  7 O6 ? ? A DC 2 B DG  7  1_555 ? ? ? ? ? ? WATSON-CRICK ?     ? ? 
hydrog6  hydrog ? ? A DC 2 O2 ? ? ? 1_555 B DG  7 N2 ? ? A DC 2 B DG  7  1_555 ? ? ? ? ? ? WATSON-CRICK ?     ? ? 
hydrog7  hydrog ? ? A DT 3 N3 ? ? ? 1_555 B DA  6 N1 ? ? A DT 3 B DA  6  1_555 ? ? ? ? ? ? WATSON-CRICK ?     ? ? 
hydrog8  hydrog ? ? A DT 3 O4 ? ? ? 1_555 B DA  6 N6 ? ? A DT 3 B DA  6  1_555 ? ? ? ? ? ? WATSON-CRICK ?     ? ? 
hydrog9  hydrog ? ? A DC 4 N3 ? ? ? 1_555 B DG  5 N1 ? ? A DC 4 B DG  5  1_555 ? ? ? ? ? ? WATSON-CRICK ?     ? ? 
hydrog10 hydrog ? ? A DC 4 N4 ? ? ? 1_555 B DG  5 O6 ? ? A DC 4 B DG  5  1_555 ? ? ? ? ? ? WATSON-CRICK ?     ? ? 
hydrog11 hydrog ? ? A DC 4 O2 ? ? ? 1_555 B DG  5 N2 ? ? A DC 4 B DG  5  1_555 ? ? ? ? ? ? WATSON-CRICK ?     ? ? 
hydrog12 hydrog ? ? A DG 5 N1 ? ? ? 1_555 B DA  3 N1 ? ? A DG 5 B DA  3  1_555 ? ? ? ? ? ? TYPE_8_PAIR  ?     ? ? 
hydrog13 hydrog ? ? A DG 5 O6 ? ? ? 1_555 B DA  3 N6 ? ? A DG 5 B DA  3  1_555 ? ? ? ? ? ? TYPE_8_PAIR  ?     ? ? 
hydrog14 hydrog ? ? A DG 5 N1 ? ? ? 1_555 B DC  4 N3 ? ? A DG 5 B DC  4  1_555 ? ? ? ? ? ? WATSON-CRICK ?     ? ? 
hydrog15 hydrog ? ? A DG 5 N2 ? ? ? 1_555 B DC  4 O2 ? ? A DG 5 B DC  4  1_555 ? ? ? ? ? ? WATSON-CRICK ?     ? ? 
hydrog16 hydrog ? ? A DG 5 O6 ? ? ? 1_555 B DC  4 N4 ? ? A DG 5 B DC  4  1_555 ? ? ? ? ? ? WATSON-CRICK ?     ? ? 
hydrog17 hydrog ? ? A DT 6 N3 ? ? ? 1_555 B DA  3 N1 ? ? A DT 6 B DA  3  1_555 ? ? ? ? ? ? WATSON-CRICK ?     ? ? 
hydrog18 hydrog ? ? A DT 6 O4 ? ? ? 1_555 B DA  3 N6 ? ? A DT 6 B DA  3  1_555 ? ? ? ? ? ? WATSON-CRICK ?     ? ? 
hydrog19 hydrog ? ? A DC 7 N3 ? ? ? 1_555 B DG  2 N1 ? ? A DC 7 B DG  2  1_555 ? ? ? ? ? ? WATSON-CRICK ?     ? ? 
hydrog20 hydrog ? ? A DC 7 N4 ? ? ? 1_555 B DG  2 O6 ? ? A DC 7 B DG  2  1_555 ? ? ? ? ? ? WATSON-CRICK ?     ? ? 
hydrog21 hydrog ? ? A DC 7 O2 ? ? ? 1_555 B DG  2 N2 ? ? A DC 7 B DG  2  1_555 ? ? ? ? ? ? WATSON-CRICK ?     ? ? 
hydrog22 hydrog ? ? A DC 8 N3 ? ? ? 1_555 B DG  1 N1 ? ? A DC 8 B DG  1  1_555 ? ? ? ? ? ? WATSON-CRICK ?     ? ? 
hydrog23 hydrog ? ? A DC 8 N4 ? ? ? 1_555 B DG  1 O6 ? ? A DC 8 B DG  1  1_555 ? ? ? ? ? ? WATSON-CRICK ?     ? ? 
hydrog24 hydrog ? ? A DC 8 O2 ? ? ? 1_555 B DG  1 N2 ? ? A DC 8 B DG  1  1_555 ? ? ? ? ? ? WATSON-CRICK ?     ? ? 
# 
loop_
_struct_conn_type.id 
_struct_conn_type.criteria 
_struct_conn_type.reference 
metalc ? ? 
hydrog ? ? 
# 
loop_
_pdbx_struct_conn_angle.id 
_pdbx_struct_conn_angle.ptnr1_label_atom_id 
_pdbx_struct_conn_angle.ptnr1_label_alt_id 
_pdbx_struct_conn_angle.ptnr1_label_asym_id 
_pdbx_struct_conn_angle.ptnr1_label_comp_id 
_pdbx_struct_conn_angle.ptnr1_label_seq_id 
_pdbx_struct_conn_angle.ptnr1_auth_atom_id 
_pdbx_struct_conn_angle.ptnr1_auth_asym_id 
_pdbx_struct_conn_angle.ptnr1_auth_comp_id 
_pdbx_struct_conn_angle.ptnr1_auth_seq_id 
_pdbx_struct_conn_angle.ptnr1_PDB_ins_code 
_pdbx_struct_conn_angle.ptnr1_symmetry 
_pdbx_struct_conn_angle.ptnr2_label_atom_id 
_pdbx_struct_conn_angle.ptnr2_label_alt_id 
_pdbx_struct_conn_angle.ptnr2_label_asym_id 
_pdbx_struct_conn_angle.ptnr2_label_comp_id 
_pdbx_struct_conn_angle.ptnr2_label_seq_id 
_pdbx_struct_conn_angle.ptnr2_auth_atom_id 
_pdbx_struct_conn_angle.ptnr2_auth_asym_id 
_pdbx_struct_conn_angle.ptnr2_auth_comp_id 
_pdbx_struct_conn_angle.ptnr2_auth_seq_id 
_pdbx_struct_conn_angle.ptnr2_PDB_ins_code 
_pdbx_struct_conn_angle.ptnr2_symmetry 
_pdbx_struct_conn_angle.ptnr3_label_atom_id 
_pdbx_struct_conn_angle.ptnr3_label_alt_id 
_pdbx_struct_conn_angle.ptnr3_label_asym_id 
_pdbx_struct_conn_angle.ptnr3_label_comp_id 
_pdbx_struct_conn_angle.ptnr3_label_seq_id 
_pdbx_struct_conn_angle.ptnr3_auth_atom_id 
_pdbx_struct_conn_angle.ptnr3_auth_asym_id 
_pdbx_struct_conn_angle.ptnr3_auth_comp_id 
_pdbx_struct_conn_angle.ptnr3_auth_seq_id 
_pdbx_struct_conn_angle.ptnr3_PDB_ins_code 
_pdbx_struct_conn_angle.ptnr3_symmetry 
_pdbx_struct_conn_angle.value 
_pdbx_struct_conn_angle.value_esd 
1 N7 ? A DG  5 ? A DG  5  ? 1_555 PT ? C 2PT . ? B 2PT 20 ? 1_555 S  ? C 2PT . ? B 2PT 20 ? 1_555 82.5  ? 
2 N7 ? A DG  5 ? A DG  5  ? 1_555 PT ? C 2PT . ? B 2PT 20 ? 1_555 N5 ? C 2PT . ? B 2PT 20 ? 1_555 93.1  ? 
3 S  ? C 2PT . ? B 2PT 20 ? 1_555 PT ? C 2PT . ? B 2PT 20 ? 1_555 N5 ? C 2PT . ? B 2PT 20 ? 1_555 175.7 ? 
4 N7 ? A DG  5 ? A DG  5  ? 1_555 PT ? C 2PT . ? B 2PT 20 ? 1_555 N4 ? C 2PT . ? B 2PT 20 ? 1_555 174.4 ? 
5 S  ? C 2PT . ? B 2PT 20 ? 1_555 PT ? C 2PT . ? B 2PT 20 ? 1_555 N4 ? C 2PT . ? B 2PT 20 ? 1_555 100.7 ? 
6 N5 ? C 2PT . ? B 2PT 20 ? 1_555 PT ? C 2PT . ? B 2PT 20 ? 1_555 N4 ? C 2PT . ? B 2PT 20 ? 1_555 83.6  ? 
# 
loop_
_struct_site.id 
_struct_site.pdbx_evidence_code 
_struct_site.pdbx_auth_asym_id 
_struct_site.pdbx_auth_comp_id 
_struct_site.pdbx_auth_seq_id 
_struct_site.pdbx_auth_ins_code 
_struct_site.pdbx_num_residues 
_struct_site.details 
AC1 Software B 2PT 20 ? 5 'BINDING SITE FOR RESIDUE 2PT B 20' 
1   ?        ? ?   ?  ? ? ?                                   
# 
loop_
_struct_site_gen.id 
_struct_site_gen.site_id 
_struct_site_gen.pdbx_num_res 
_struct_site_gen.label_comp_id 
_struct_site_gen.label_asym_id 
_struct_site_gen.label_seq_id 
_struct_site_gen.pdbx_auth_ins_code 
_struct_site_gen.auth_comp_id 
_struct_site_gen.auth_asym_id 
_struct_site_gen.auth_seq_id 
_struct_site_gen.label_atom_id 
_struct_site_gen.label_alt_id 
_struct_site_gen.symmetry 
_struct_site_gen.details 
1 AC1 5 DC A 4 ? DC A 4 . ? 1_555 ? 
2 AC1 5 DG A 5 ? DG A 5 . ? 1_555 ? 
3 AC1 5 DT A 6 ? DT A 6 . ? 1_555 ? 
4 AC1 5 DC B 4 ? DC B 4 . ? 1_555 ? 
5 AC1 5 DG B 5 ? DG B 5 . ? 1_555 ? 
# 
loop_
_pdbx_validate_rmsd_bond.id 
_pdbx_validate_rmsd_bond.PDB_model_num 
_pdbx_validate_rmsd_bond.auth_atom_id_1 
_pdbx_validate_rmsd_bond.auth_asym_id_1 
_pdbx_validate_rmsd_bond.auth_comp_id_1 
_pdbx_validate_rmsd_bond.auth_seq_id_1 
_pdbx_validate_rmsd_bond.PDB_ins_code_1 
_pdbx_validate_rmsd_bond.label_alt_id_1 
_pdbx_validate_rmsd_bond.auth_atom_id_2 
_pdbx_validate_rmsd_bond.auth_asym_id_2 
_pdbx_validate_rmsd_bond.auth_comp_id_2 
_pdbx_validate_rmsd_bond.auth_seq_id_2 
_pdbx_validate_rmsd_bond.PDB_ins_code_2 
_pdbx_validate_rmsd_bond.label_alt_id_2 
_pdbx_validate_rmsd_bond.bond_value 
_pdbx_validate_rmsd_bond.bond_target_value 
_pdbx_validate_rmsd_bond.bond_deviation 
_pdbx_validate_rmsd_bond.bond_standard_deviation 
_pdbx_validate_rmsd_bond.linker_flag 
1 1 N1 A DG 5 ? ? C2 A DG 5 ? ? 1.463 1.373 0.090  0.008 N 
2 1 C6 A DG 5 ? ? N1 A DG 5 ? ? 1.341 1.391 -0.050 0.007 N 
3 1 C5 A DG 5 ? ? N7 A DG 5 ? ? 1.445 1.388 0.057  0.006 N 
4 1 N7 A DG 5 ? ? C8 A DG 5 ? ? 1.437 1.305 0.132  0.006 N 
# 
loop_
_pdbx_validate_rmsd_angle.id 
_pdbx_validate_rmsd_angle.PDB_model_num 
_pdbx_validate_rmsd_angle.auth_atom_id_1 
_pdbx_validate_rmsd_angle.auth_asym_id_1 
_pdbx_validate_rmsd_angle.auth_comp_id_1 
_pdbx_validate_rmsd_angle.auth_seq_id_1 
_pdbx_validate_rmsd_angle.PDB_ins_code_1 
_pdbx_validate_rmsd_angle.label_alt_id_1 
_pdbx_validate_rmsd_angle.auth_atom_id_2 
_pdbx_validate_rmsd_angle.auth_asym_id_2 
_pdbx_validate_rmsd_angle.auth_comp_id_2 
_pdbx_validate_rmsd_angle.auth_seq_id_2 
_pdbx_validate_rmsd_angle.PDB_ins_code_2 
_pdbx_validate_rmsd_angle.label_alt_id_2 
_pdbx_validate_rmsd_angle.auth_atom_id_3 
_pdbx_validate_rmsd_angle.auth_asym_id_3 
_pdbx_validate_rmsd_angle.auth_comp_id_3 
_pdbx_validate_rmsd_angle.auth_seq_id_3 
_pdbx_validate_rmsd_angle.PDB_ins_code_3 
_pdbx_validate_rmsd_angle.label_alt_id_3 
_pdbx_validate_rmsd_angle.angle_value 
_pdbx_validate_rmsd_angle.angle_target_value 
_pdbx_validate_rmsd_angle.angle_deviation 
_pdbx_validate_rmsd_angle.angle_standard_deviation 
_pdbx_validate_rmsd_angle.linker_flag 
1  1 "O4'" A DC 1 ? ? "C1'" A DC 1 ? ? N1 A DC 1 ? ? 112.43 108.30 4.13  0.30 N 
2  1 "O4'" A DC 2 ? ? "C1'" A DC 2 ? ? N1 A DC 2 ? ? 111.17 108.30 2.87  0.30 N 
3  1 "O4'" A DT 3 ? ? "C1'" A DT 3 ? ? N1 A DT 3 ? ? 110.27 108.30 1.97  0.30 N 
4  1 "O4'" A DG 5 ? ? "C1'" A DG 5 ? ? N9 A DG 5 ? ? 112.14 108.30 3.84  0.30 N 
5  1 C6    A DG 5 ? ? N1    A DG 5 ? ? C2 A DG 5 ? ? 120.79 125.10 -4.31 0.60 N 
6  1 C5    A DG 5 ? ? C6    A DG 5 ? ? N1 A DG 5 ? ? 116.49 111.50 4.99  0.50 N 
7  1 C4    A DG 5 ? ? C5    A DG 5 ? ? N7 A DG 5 ? ? 115.38 110.80 4.58  0.40 N 
8  1 C5    A DG 5 ? ? N7    A DG 5 ? ? C8 A DG 5 ? ? 98.12  104.30 -6.18 0.50 N 
9  1 C8    A DG 5 ? ? N9    A DG 5 ? ? C4 A DG 5 ? ? 108.80 106.40 2.40  0.40 N 
10 1 C6    A DG 5 ? ? C5    A DG 5 ? ? N7 A DG 5 ? ? 125.47 130.40 -4.93 0.60 N 
11 1 "C3'" A DG 5 ? ? "O3'" A DG 5 ? ? P  A DT 6 ? ? 111.25 119.70 -8.45 1.20 Y 
12 1 "O4'" A DT 6 ? ? "C1'" A DT 6 ? ? N1 A DT 6 ? ? 113.13 108.30 4.83  0.30 N 
13 1 "O4'" A DC 8 ? ? "C1'" A DC 8 ? ? N1 A DC 8 ? ? 110.43 108.30 2.13  0.30 N 
14 1 "O4'" B DG 1 ? ? "C1'" B DG 1 ? ? N9 B DG 1 ? ? 111.69 108.30 3.39  0.30 N 
15 1 "O4'" B DG 2 ? ? "C1'" B DG 2 ? ? N9 B DG 2 ? ? 111.14 108.30 2.84  0.30 N 
16 1 "O4'" B DG 5 ? ? "C1'" B DG 5 ? ? N9 B DG 5 ? ? 111.46 108.30 3.16  0.30 N 
17 1 "O4'" B DA 6 ? ? "C1'" B DA 6 ? ? N9 B DA 6 ? ? 110.90 108.30 2.60  0.30 N 
18 1 "O4'" B DG 7 ? ? "C1'" B DG 7 ? ? N9 B DG 7 ? ? 111.36 108.30 3.06  0.30 N 
19 1 "O4'" B DG 8 ? ? "C1'" B DG 8 ? ? N9 B DG 8 ? ? 110.49 108.30 2.19  0.30 N 
# 
_pdbx_validate_planes.id              1 
_pdbx_validate_planes.PDB_model_num   1 
_pdbx_validate_planes.auth_comp_id    DG 
_pdbx_validate_planes.auth_asym_id    A 
_pdbx_validate_planes.auth_seq_id     5 
_pdbx_validate_planes.PDB_ins_code    ? 
_pdbx_validate_planes.label_alt_id    ? 
_pdbx_validate_planes.rmsd            0.065 
_pdbx_validate_planes.type            'SIDE CHAIN' 
# 
_struct_site_keywords.site_id   1 
_struct_site_keywords.text      'covalent metal bonds' 
# 
_pdbx_nmr_ensemble.entry_id                             1XRW 
_pdbx_nmr_ensemble.conformers_calculated_total_number   ? 
_pdbx_nmr_ensemble.conformers_submitted_total_number    1 
_pdbx_nmr_ensemble.conformer_selection_criteria         ? 
# 
_pdbx_nmr_representative.entry_id             1XRW 
_pdbx_nmr_representative.conformer_id         ? 
_pdbx_nmr_representative.selection_criteria   'minimized average structure' 
# 
_pdbx_nmr_sample_details.solution_id      1 
_pdbx_nmr_sample_details.contents         '3.5mM modified duplex, 10 mM phosphate buffer, 10mM NaCl, 100% D2O or 90% H2O/10% D2O' 
_pdbx_nmr_sample_details.solvent_system   '100% D2O or 90% H2O/10% D2O' 
# 
_pdbx_nmr_exptl_sample_conditions.conditions_id       1 
_pdbx_nmr_exptl_sample_conditions.temperature         298 
_pdbx_nmr_exptl_sample_conditions.pressure            ambient 
_pdbx_nmr_exptl_sample_conditions.pH                  7.0 
_pdbx_nmr_exptl_sample_conditions.ionic_strength      '10 mM NaH2PO4, 10 mM NaCl' 
_pdbx_nmr_exptl_sample_conditions.pressure_units      ? 
_pdbx_nmr_exptl_sample_conditions.temperature_units   K 
# 
loop_
_pdbx_nmr_exptl.experiment_id 
_pdbx_nmr_exptl.solution_id 
_pdbx_nmr_exptl.conditions_id 
_pdbx_nmr_exptl.type 
1 1 1 DQF-COSY      
2 1 1 '2D TOCSY'    
3 1 1 '2D NOESY'    
4 1 1 '1H-31P COSY' 
# 
_pdbx_nmr_refine.entry_id           1XRW 
_pdbx_nmr_refine.method             'distance geometry, simulated annealing, molecular dynamics, matrix relaxation' 
_pdbx_nmr_refine.details            ? 
_pdbx_nmr_refine.software_ordinal   1 
# 
loop_
_pdbx_nmr_software.name 
_pdbx_nmr_software.version 
_pdbx_nmr_software.classification 
_pdbx_nmr_software.authors 
_pdbx_nmr_software.ordinal 
XwinNMR   2.6  processing                    Bruker         1 
Felix     2000 processing                    Accelrys       2 
Felix     2000 'data analysis'               Accelrys       3 
MARDIGRAS 3.2  'iterative matrix relaxation' 'James, T. L.' 4 
Discover  2000 refinement                    Accelrys       5 
CORMA     5.2  'data analysis'               'James, T. L.' 6 
# 
loop_
_chem_comp_atom.comp_id 
_chem_comp_atom.atom_id 
_chem_comp_atom.type_symbol 
_chem_comp_atom.pdbx_aromatic_flag 
_chem_comp_atom.pdbx_stereo_config 
_chem_comp_atom.pdbx_ordinal 
2PT S      S  N N 1   
2PT N6     N  N N 2   
2PT N7     N  N N 3   
2PT N8     N  N N 4   
2PT N9     N  Y N 5   
2PT C7     C  N N 6   
2PT C8     C  N N 7   
2PT C9     C  N N 8   
2PT C10    C  Y N 9   
2PT C11    C  Y N 10  
2PT C12    C  Y N 11  
2PT C13    C  Y N 12  
2PT C14    C  Y N 13  
2PT C15    C  Y N 14  
2PT C16    C  Y N 15  
2PT C17    C  Y N 16  
2PT C18    C  Y N 17  
2PT C19    C  Y N 18  
2PT C20    C  Y N 19  
2PT C21    C  Y N 20  
2PT C22    C  Y N 21  
2PT C23    C  N N 22  
2PT C24    C  N N 23  
2PT C5     C  N N 24  
2PT C6     C  N N 25  
2PT N5     N  N N 26  
2PT PT     PT N N 27  
2PT N4     N  N N 28  
2PT H7N    H  N N 29  
2PT H8     H  N N 30  
2PT H9     H  N N 31  
2PT H81    H  N N 32  
2PT H82    H  N N 33  
2PT H91    H  N N 34  
2PT H92    H  N N 35  
2PT H12    H  N N 36  
2PT H13    H  N N 37  
2PT H14    H  N N 38  
2PT H15    H  N N 39  
2PT H18    H  N N 40  
2PT H19    H  N N 41  
2PT H20    H  N N 42  
2PT H21    H  N N 43  
2PT H231   H  N N 44  
2PT H232   H  N N 45  
2PT H233   H  N N 46  
2PT H241   H  N N 47  
2PT H242   H  N N 48  
2PT H243   H  N N 49  
2PT H51    H  N N 50  
2PT H52    H  N N 51  
2PT H61    H  N N 52  
2PT H62    H  N N 53  
2PT HN51   H  N N 54  
2PT H41    H  N N 55  
2PT HN52   H  N N 56  
2PT H42    H  N N 57  
DA  OP3    O  N N 58  
DA  P      P  N N 59  
DA  OP1    O  N N 60  
DA  OP2    O  N N 61  
DA  "O5'"  O  N N 62  
DA  "C5'"  C  N N 63  
DA  "C4'"  C  N R 64  
DA  "O4'"  O  N N 65  
DA  "C3'"  C  N S 66  
DA  "O3'"  O  N N 67  
DA  "C2'"  C  N N 68  
DA  "C1'"  C  N R 69  
DA  N9     N  Y N 70  
DA  C8     C  Y N 71  
DA  N7     N  Y N 72  
DA  C5     C  Y N 73  
DA  C6     C  Y N 74  
DA  N6     N  N N 75  
DA  N1     N  Y N 76  
DA  C2     C  Y N 77  
DA  N3     N  Y N 78  
DA  C4     C  Y N 79  
DA  HOP3   H  N N 80  
DA  HOP2   H  N N 81  
DA  "H5'"  H  N N 82  
DA  "H5''" H  N N 83  
DA  "H4'"  H  N N 84  
DA  "H3'"  H  N N 85  
DA  "HO3'" H  N N 86  
DA  "H2'"  H  N N 87  
DA  "H2''" H  N N 88  
DA  "H1'"  H  N N 89  
DA  H8     H  N N 90  
DA  H61    H  N N 91  
DA  H62    H  N N 92  
DA  H2     H  N N 93  
DC  OP3    O  N N 94  
DC  P      P  N N 95  
DC  OP1    O  N N 96  
DC  OP2    O  N N 97  
DC  "O5'"  O  N N 98  
DC  "C5'"  C  N N 99  
DC  "C4'"  C  N R 100 
DC  "O4'"  O  N N 101 
DC  "C3'"  C  N S 102 
DC  "O3'"  O  N N 103 
DC  "C2'"  C  N N 104 
DC  "C1'"  C  N R 105 
DC  N1     N  N N 106 
DC  C2     C  N N 107 
DC  O2     O  N N 108 
DC  N3     N  N N 109 
DC  C4     C  N N 110 
DC  N4     N  N N 111 
DC  C5     C  N N 112 
DC  C6     C  N N 113 
DC  HOP3   H  N N 114 
DC  HOP2   H  N N 115 
DC  "H5'"  H  N N 116 
DC  "H5''" H  N N 117 
DC  "H4'"  H  N N 118 
DC  "H3'"  H  N N 119 
DC  "HO3'" H  N N 120 
DC  "H2'"  H  N N 121 
DC  "H2''" H  N N 122 
DC  "H1'"  H  N N 123 
DC  H41    H  N N 124 
DC  H42    H  N N 125 
DC  H5     H  N N 126 
DC  H6     H  N N 127 
DG  OP3    O  N N 128 
DG  P      P  N N 129 
DG  OP1    O  N N 130 
DG  OP2    O  N N 131 
DG  "O5'"  O  N N 132 
DG  "C5'"  C  N N 133 
DG  "C4'"  C  N R 134 
DG  "O4'"  O  N N 135 
DG  "C3'"  C  N S 136 
DG  "O3'"  O  N N 137 
DG  "C2'"  C  N N 138 
DG  "C1'"  C  N R 139 
DG  N9     N  Y N 140 
DG  C8     C  Y N 141 
DG  N7     N  Y N 142 
DG  C5     C  Y N 143 
DG  C6     C  N N 144 
DG  O6     O  N N 145 
DG  N1     N  N N 146 
DG  C2     C  N N 147 
DG  N2     N  N N 148 
DG  N3     N  N N 149 
DG  C4     C  Y N 150 
DG  HOP3   H  N N 151 
DG  HOP2   H  N N 152 
DG  "H5'"  H  N N 153 
DG  "H5''" H  N N 154 
DG  "H4'"  H  N N 155 
DG  "H3'"  H  N N 156 
DG  "HO3'" H  N N 157 
DG  "H2'"  H  N N 158 
DG  "H2''" H  N N 159 
DG  "H1'"  H  N N 160 
DG  H8     H  N N 161 
DG  H1     H  N N 162 
DG  H21    H  N N 163 
DG  H22    H  N N 164 
DT  OP3    O  N N 165 
DT  P      P  N N 166 
DT  OP1    O  N N 167 
DT  OP2    O  N N 168 
DT  "O5'"  O  N N 169 
DT  "C5'"  C  N N 170 
DT  "C4'"  C  N R 171 
DT  "O4'"  O  N N 172 
DT  "C3'"  C  N S 173 
DT  "O3'"  O  N N 174 
DT  "C2'"  C  N N 175 
DT  "C1'"  C  N R 176 
DT  N1     N  N N 177 
DT  C2     C  N N 178 
DT  O2     O  N N 179 
DT  N3     N  N N 180 
DT  C4     C  N N 181 
DT  O4     O  N N 182 
DT  C5     C  N N 183 
DT  C7     C  N N 184 
DT  C6     C  N N 185 
DT  HOP3   H  N N 186 
DT  HOP2   H  N N 187 
DT  "H5'"  H  N N 188 
DT  "H5''" H  N N 189 
DT  "H4'"  H  N N 190 
DT  "H3'"  H  N N 191 
DT  "HO3'" H  N N 192 
DT  "H2'"  H  N N 193 
DT  "H2''" H  N N 194 
DT  "H1'"  H  N N 195 
DT  H3     H  N N 196 
DT  H71    H  N N 197 
DT  H72    H  N N 198 
DT  H73    H  N N 199 
DT  H6     H  N N 200 
# 
loop_
_chem_comp_bond.comp_id 
_chem_comp_bond.atom_id_1 
_chem_comp_bond.atom_id_2 
_chem_comp_bond.value_order 
_chem_comp_bond.pdbx_aromatic_flag 
_chem_comp_bond.pdbx_stereo_config 
_chem_comp_bond.pdbx_ordinal 
2PT S     C7     doub N N 1   
2PT S     PT     sing N N 2   
2PT N6    C7     sing N N 3   
2PT N6    C8     sing N N 4   
2PT N6    C23    sing N N 5   
2PT N7    C7     sing N N 6   
2PT N7    C24    sing N N 7   
2PT N7    H7N    sing N N 8   
2PT N8    C9     sing N N 9   
2PT N8    C10    sing N N 10  
2PT N8    H8     sing N N 11  
2PT N9    C16    doub Y N 12  
2PT N9    C17    sing Y N 13  
2PT N9    H9     sing N N 14  
2PT C8    C9     sing N N 15  
2PT C8    H81    sing N N 16  
2PT C8    H82    sing N N 17  
2PT C9    H91    sing N N 18  
2PT C9    H92    sing N N 19  
2PT C10   C11    doub Y N 20  
2PT C10   C22    sing Y N 21  
2PT C11   C12    sing Y N 22  
2PT C11   C16    sing Y N 23  
2PT C12   C13    doub Y N 24  
2PT C12   H12    sing N N 25  
2PT C13   C14    sing Y N 26  
2PT C13   H13    sing N N 27  
2PT C14   C15    doub Y N 28  
2PT C14   H14    sing N N 29  
2PT C15   C16    sing Y N 30  
2PT C15   H15    sing N N 31  
2PT C17   C18    sing Y N 32  
2PT C17   C22    doub Y N 33  
2PT C18   C19    doub Y N 34  
2PT C18   H18    sing N N 35  
2PT C19   C20    sing Y N 36  
2PT C19   H19    sing N N 37  
2PT C20   C21    doub Y N 38  
2PT C20   H20    sing N N 39  
2PT C21   C22    sing Y N 40  
2PT C21   H21    sing N N 41  
2PT C23   H231   sing N N 42  
2PT C23   H232   sing N N 43  
2PT C23   H233   sing N N 44  
2PT C24   H241   sing N N 45  
2PT C24   H242   sing N N 46  
2PT C24   H243   sing N N 47  
2PT C5    C6     sing N N 48  
2PT C5    N4     sing N N 49  
2PT C5    H51    sing N N 50  
2PT C5    H52    sing N N 51  
2PT C6    N5     sing N N 52  
2PT C6    H61    sing N N 53  
2PT C6    H62    sing N N 54  
2PT N5    PT     sing N N 55  
2PT N5    HN51   sing N N 56  
2PT N5    HN52   sing N N 57  
2PT PT    N4     sing N N 58  
2PT N4    H41    sing N N 59  
2PT N4    H42    sing N N 60  
DA  OP3   P      sing N N 61  
DA  OP3   HOP3   sing N N 62  
DA  P     OP1    doub N N 63  
DA  P     OP2    sing N N 64  
DA  P     "O5'"  sing N N 65  
DA  OP2   HOP2   sing N N 66  
DA  "O5'" "C5'"  sing N N 67  
DA  "C5'" "C4'"  sing N N 68  
DA  "C5'" "H5'"  sing N N 69  
DA  "C5'" "H5''" sing N N 70  
DA  "C4'" "O4'"  sing N N 71  
DA  "C4'" "C3'"  sing N N 72  
DA  "C4'" "H4'"  sing N N 73  
DA  "O4'" "C1'"  sing N N 74  
DA  "C3'" "O3'"  sing N N 75  
DA  "C3'" "C2'"  sing N N 76  
DA  "C3'" "H3'"  sing N N 77  
DA  "O3'" "HO3'" sing N N 78  
DA  "C2'" "C1'"  sing N N 79  
DA  "C2'" "H2'"  sing N N 80  
DA  "C2'" "H2''" sing N N 81  
DA  "C1'" N9     sing N N 82  
DA  "C1'" "H1'"  sing N N 83  
DA  N9    C8     sing Y N 84  
DA  N9    C4     sing Y N 85  
DA  C8    N7     doub Y N 86  
DA  C8    H8     sing N N 87  
DA  N7    C5     sing Y N 88  
DA  C5    C6     sing Y N 89  
DA  C5    C4     doub Y N 90  
DA  C6    N6     sing N N 91  
DA  C6    N1     doub Y N 92  
DA  N6    H61    sing N N 93  
DA  N6    H62    sing N N 94  
DA  N1    C2     sing Y N 95  
DA  C2    N3     doub Y N 96  
DA  C2    H2     sing N N 97  
DA  N3    C4     sing Y N 98  
DC  OP3   P      sing N N 99  
DC  OP3   HOP3   sing N N 100 
DC  P     OP1    doub N N 101 
DC  P     OP2    sing N N 102 
DC  P     "O5'"  sing N N 103 
DC  OP2   HOP2   sing N N 104 
DC  "O5'" "C5'"  sing N N 105 
DC  "C5'" "C4'"  sing N N 106 
DC  "C5'" "H5'"  sing N N 107 
DC  "C5'" "H5''" sing N N 108 
DC  "C4'" "O4'"  sing N N 109 
DC  "C4'" "C3'"  sing N N 110 
DC  "C4'" "H4'"  sing N N 111 
DC  "O4'" "C1'"  sing N N 112 
DC  "C3'" "O3'"  sing N N 113 
DC  "C3'" "C2'"  sing N N 114 
DC  "C3'" "H3'"  sing N N 115 
DC  "O3'" "HO3'" sing N N 116 
DC  "C2'" "C1'"  sing N N 117 
DC  "C2'" "H2'"  sing N N 118 
DC  "C2'" "H2''" sing N N 119 
DC  "C1'" N1     sing N N 120 
DC  "C1'" "H1'"  sing N N 121 
DC  N1    C2     sing N N 122 
DC  N1    C6     sing N N 123 
DC  C2    O2     doub N N 124 
DC  C2    N3     sing N N 125 
DC  N3    C4     doub N N 126 
DC  C4    N4     sing N N 127 
DC  C4    C5     sing N N 128 
DC  N4    H41    sing N N 129 
DC  N4    H42    sing N N 130 
DC  C5    C6     doub N N 131 
DC  C5    H5     sing N N 132 
DC  C6    H6     sing N N 133 
DG  OP3   P      sing N N 134 
DG  OP3   HOP3   sing N N 135 
DG  P     OP1    doub N N 136 
DG  P     OP2    sing N N 137 
DG  P     "O5'"  sing N N 138 
DG  OP2   HOP2   sing N N 139 
DG  "O5'" "C5'"  sing N N 140 
DG  "C5'" "C4'"  sing N N 141 
DG  "C5'" "H5'"  sing N N 142 
DG  "C5'" "H5''" sing N N 143 
DG  "C4'" "O4'"  sing N N 144 
DG  "C4'" "C3'"  sing N N 145 
DG  "C4'" "H4'"  sing N N 146 
DG  "O4'" "C1'"  sing N N 147 
DG  "C3'" "O3'"  sing N N 148 
DG  "C3'" "C2'"  sing N N 149 
DG  "C3'" "H3'"  sing N N 150 
DG  "O3'" "HO3'" sing N N 151 
DG  "C2'" "C1'"  sing N N 152 
DG  "C2'" "H2'"  sing N N 153 
DG  "C2'" "H2''" sing N N 154 
DG  "C1'" N9     sing N N 155 
DG  "C1'" "H1'"  sing N N 156 
DG  N9    C8     sing Y N 157 
DG  N9    C4     sing Y N 158 
DG  C8    N7     doub Y N 159 
DG  C8    H8     sing N N 160 
DG  N7    C5     sing Y N 161 
DG  C5    C6     sing N N 162 
DG  C5    C4     doub Y N 163 
DG  C6    O6     doub N N 164 
DG  C6    N1     sing N N 165 
DG  N1    C2     sing N N 166 
DG  N1    H1     sing N N 167 
DG  C2    N2     sing N N 168 
DG  C2    N3     doub N N 169 
DG  N2    H21    sing N N 170 
DG  N2    H22    sing N N 171 
DG  N3    C4     sing N N 172 
DT  OP3   P      sing N N 173 
DT  OP3   HOP3   sing N N 174 
DT  P     OP1    doub N N 175 
DT  P     OP2    sing N N 176 
DT  P     "O5'"  sing N N 177 
DT  OP2   HOP2   sing N N 178 
DT  "O5'" "C5'"  sing N N 179 
DT  "C5'" "C4'"  sing N N 180 
DT  "C5'" "H5'"  sing N N 181 
DT  "C5'" "H5''" sing N N 182 
DT  "C4'" "O4'"  sing N N 183 
DT  "C4'" "C3'"  sing N N 184 
DT  "C4'" "H4'"  sing N N 185 
DT  "O4'" "C1'"  sing N N 186 
DT  "C3'" "O3'"  sing N N 187 
DT  "C3'" "C2'"  sing N N 188 
DT  "C3'" "H3'"  sing N N 189 
DT  "O3'" "HO3'" sing N N 190 
DT  "C2'" "C1'"  sing N N 191 
DT  "C2'" "H2'"  sing N N 192 
DT  "C2'" "H2''" sing N N 193 
DT  "C1'" N1     sing N N 194 
DT  "C1'" "H1'"  sing N N 195 
DT  N1    C2     sing N N 196 
DT  N1    C6     sing N N 197 
DT  C2    O2     doub N N 198 
DT  C2    N3     sing N N 199 
DT  N3    C4     sing N N 200 
DT  N3    H3     sing N N 201 
DT  C4    O4     doub N N 202 
DT  C4    C5     sing N N 203 
DT  C5    C7     sing N N 204 
DT  C5    C6     doub N N 205 
DT  C7    H71    sing N N 206 
DT  C7    H72    sing N N 207 
DT  C7    H73    sing N N 208 
DT  C6    H6     sing N N 209 
# 
loop_
_ndb_struct_conf_na.entry_id 
_ndb_struct_conf_na.feature 
1XRW 'double helix'         
1XRW 'mismatched base pair' 
# 
loop_
_ndb_struct_na_base_pair.model_number 
_ndb_struct_na_base_pair.i_label_asym_id 
_ndb_struct_na_base_pair.i_label_comp_id 
_ndb_struct_na_base_pair.i_label_seq_id 
_ndb_struct_na_base_pair.i_symmetry 
_ndb_struct_na_base_pair.j_label_asym_id 
_ndb_struct_na_base_pair.j_label_comp_id 
_ndb_struct_na_base_pair.j_label_seq_id 
_ndb_struct_na_base_pair.j_symmetry 
_ndb_struct_na_base_pair.shear 
_ndb_struct_na_base_pair.stretch 
_ndb_struct_na_base_pair.stagger 
_ndb_struct_na_base_pair.buckle 
_ndb_struct_na_base_pair.propeller 
_ndb_struct_na_base_pair.opening 
_ndb_struct_na_base_pair.pair_number 
_ndb_struct_na_base_pair.pair_name 
_ndb_struct_na_base_pair.i_auth_asym_id 
_ndb_struct_na_base_pair.i_auth_seq_id 
_ndb_struct_na_base_pair.i_PDB_ins_code 
_ndb_struct_na_base_pair.j_auth_asym_id 
_ndb_struct_na_base_pair.j_auth_seq_id 
_ndb_struct_na_base_pair.j_PDB_ins_code 
_ndb_struct_na_base_pair.hbond_type_28 
_ndb_struct_na_base_pair.hbond_type_12 
1 A DC 1 1_555 B DG 8 1_555 0.833  -0.223 -0.015 -13.408 -5.488  -1.081  1 A_DC1:DG8_B A 1 ? B 8 ? 19 1 
1 A DC 2 1_555 B DG 7 1_555 0.961  -0.291 0.189  -8.938  -0.757  -1.805  2 A_DC2:DG7_B A 2 ? B 7 ? 19 1 
1 A DT 3 1_555 B DA 6 1_555 0.389  -0.097 -0.244 3.126   -7.215  -0.053  3 A_DT3:DA6_B A 3 ? B 6 ? 20 1 
1 A DC 4 1_555 B DG 5 1_555 0.096  0.004  -0.653 17.720  -3.853  -3.503  4 A_DC4:DG5_B A 4 ? B 5 ? 19 1 
1 A DG 5 1_555 B DC 4 1_555 0.089  -0.039 0.418  -18.501 -10.784 -2.942  5 A_DG5:DC4_B A 5 ? B 4 ? 19 1 
1 A DT 6 1_555 B DA 3 1_555 -0.763 0.199  0.277  8.057   -11.855 -12.965 6 A_DT6:DA3_B A 6 ? B 3 ? 20 1 
1 A DC 7 1_555 B DG 2 1_555 0.884  -0.328 0.063  8.757   -23.218 -2.130  7 A_DC7:DG2_B A 7 ? B 2 ? 19 1 
1 A DC 8 1_555 B DG 1 1_555 -0.004 -0.092 0.544  -2.727  -16.298 -4.761  8 A_DC8:DG1_B A 8 ? B 1 ? 19 1 
# 
loop_
_ndb_struct_na_base_pair_step.model_number 
_ndb_struct_na_base_pair_step.i_label_asym_id_1 
_ndb_struct_na_base_pair_step.i_label_comp_id_1 
_ndb_struct_na_base_pair_step.i_label_seq_id_1 
_ndb_struct_na_base_pair_step.i_symmetry_1 
_ndb_struct_na_base_pair_step.j_label_asym_id_1 
_ndb_struct_na_base_pair_step.j_label_comp_id_1 
_ndb_struct_na_base_pair_step.j_label_seq_id_1 
_ndb_struct_na_base_pair_step.j_symmetry_1 
_ndb_struct_na_base_pair_step.i_label_asym_id_2 
_ndb_struct_na_base_pair_step.i_label_comp_id_2 
_ndb_struct_na_base_pair_step.i_label_seq_id_2 
_ndb_struct_na_base_pair_step.i_symmetry_2 
_ndb_struct_na_base_pair_step.j_label_asym_id_2 
_ndb_struct_na_base_pair_step.j_label_comp_id_2 
_ndb_struct_na_base_pair_step.j_label_seq_id_2 
_ndb_struct_na_base_pair_step.j_symmetry_2 
_ndb_struct_na_base_pair_step.shift 
_ndb_struct_na_base_pair_step.slide 
_ndb_struct_na_base_pair_step.rise 
_ndb_struct_na_base_pair_step.tilt 
_ndb_struct_na_base_pair_step.roll 
_ndb_struct_na_base_pair_step.twist 
_ndb_struct_na_base_pair_step.x_displacement 
_ndb_struct_na_base_pair_step.y_displacement 
_ndb_struct_na_base_pair_step.helical_rise 
_ndb_struct_na_base_pair_step.inclination 
_ndb_struct_na_base_pair_step.tip 
_ndb_struct_na_base_pair_step.helical_twist 
_ndb_struct_na_base_pair_step.step_number 
_ndb_struct_na_base_pair_step.step_name 
_ndb_struct_na_base_pair_step.i_auth_asym_id_1 
_ndb_struct_na_base_pair_step.i_auth_seq_id_1 
_ndb_struct_na_base_pair_step.i_PDB_ins_code_1 
_ndb_struct_na_base_pair_step.j_auth_asym_id_1 
_ndb_struct_na_base_pair_step.j_auth_seq_id_1 
_ndb_struct_na_base_pair_step.j_PDB_ins_code_1 
_ndb_struct_na_base_pair_step.i_auth_asym_id_2 
_ndb_struct_na_base_pair_step.i_auth_seq_id_2 
_ndb_struct_na_base_pair_step.i_PDB_ins_code_2 
_ndb_struct_na_base_pair_step.j_auth_asym_id_2 
_ndb_struct_na_base_pair_step.j_auth_seq_id_2 
_ndb_struct_na_base_pair_step.j_PDB_ins_code_2 
1 A DC 1 1_555 B DG 8 1_555 A DC 2 1_555 B DG 7 1_555 -0.122 -1.586 3.041 1.274  3.120  31.440 -3.433 0.438  2.867 5.737  -2.342  
31.615 1 AA_DC1DC2:DG7DG8_BB A 1 ? B 8 ? A 2 ? B 7 ? 
1 A DC 2 1_555 B DG 7 1_555 A DT 3 1_555 B DA 6 1_555 -0.012 -1.428 2.809 5.086  1.523  27.448 -3.263 1.049  2.682 3.172  -10.594 
27.947 2 AA_DC2DT3:DA6DG7_BB A 2 ? B 7 ? A 3 ? B 6 ? 
1 A DT 3 1_555 B DA 6 1_555 A DC 4 1_555 B DG 5 1_555 -0.259 -1.079 2.859 2.252  4.434  28.902 -2.942 0.923  2.640 8.800  -4.470  
29.318 3 AA_DT3DC4:DG5DA6_BB A 3 ? B 6 ? A 4 ? B 5 ? 
1 A DG 5 1_555 B DC 4 1_555 A DT 6 1_555 B DA 3 1_555 -0.062 -0.664 2.598 3.735  -1.147 23.372 -1.313 1.138  2.585 -2.805 -9.137  
23.692 4 AA_DG5DT6:DA3DC4_BB A 5 ? B 4 ? A 6 ? B 3 ? 
1 A DT 6 1_555 B DA 3 1_555 A DC 7 1_555 B DG 2 1_555 0.392  -1.003 3.086 1.346  -2.196 43.576 -1.148 -0.404 3.141 -2.955 -1.811  
43.648 5 AA_DT6DC7:DG2DA3_BB A 6 ? B 3 ? A 7 ? B 2 ? 
1 A DC 7 1_555 B DG 2 1_555 A DC 8 1_555 B DG 1 1_555 -0.048 -1.342 3.305 -3.549 6.459  31.621 -3.503 -0.520 2.968 11.655 6.404   
32.447 6 AA_DC7DC8:DG1DG2_BB A 7 ? B 2 ? A 8 ? B 1 ? 
# 
_pdbx_nmr_spectrometer.spectrometer_id   1 
_pdbx_nmr_spectrometer.type              ? 
_pdbx_nmr_spectrometer.manufacturer      Bruker 
_pdbx_nmr_spectrometer.model             DRX 
_pdbx_nmr_spectrometer.field_strength    500 
# 
_atom_sites.entry_id                    1XRW 
_atom_sites.fract_transf_matrix[1][1]   1.000000 
_atom_sites.fract_transf_matrix[1][2]   0.000000 
_atom_sites.fract_transf_matrix[1][3]   0.000000 
_atom_sites.fract_transf_matrix[2][1]   0.000000 
_atom_sites.fract_transf_matrix[2][2]   1.000000 
_atom_sites.fract_transf_matrix[2][3]   0.000000 
_atom_sites.fract_transf_matrix[3][1]   0.000000 
_atom_sites.fract_transf_matrix[3][2]   0.000000 
_atom_sites.fract_transf_matrix[3][3]   1.000000 
_atom_sites.fract_transf_vector[1]      0.00000 
_atom_sites.fract_transf_vector[2]      0.00000 
_atom_sites.fract_transf_vector[3]      0.00000 
# 
loop_
_atom_type.symbol 
C  
H  
N  
O  
P  
PT 
S  
# 
loop_
_atom_site.group_PDB 
_atom_site.id 
_atom_site.type_symbol 
_atom_site.label_atom_id 
_atom_site.label_alt_id 
_atom_site.label_comp_id 
_atom_site.label_asym_id 
_atom_site.label_entity_id 
_atom_site.label_seq_id 
_atom_site.pdbx_PDB_ins_code 
_atom_site.Cartn_x 
_atom_site.Cartn_y 
_atom_site.Cartn_z 
_atom_site.occupancy 
_atom_site.B_iso_or_equiv 
_atom_site.pdbx_formal_charge 
_atom_site.auth_seq_id 
_atom_site.auth_comp_id 
_atom_site.auth_asym_id 
_atom_site.auth_atom_id 
_atom_site.pdbx_PDB_model_num 
ATOM   1   O  "O5'"  . DC  A 1 1 ? -2.982  -19.174 -2.396 1.00 0.00 ? 1  DC  A "O5'"  1 
ATOM   2   C  "C5'"  . DC  A 1 1 ? -3.083  -18.584 -1.120 1.00 0.00 ? 1  DC  A "C5'"  1 
ATOM   3   C  "C4'"  . DC  A 1 1 ? -4.130  -17.470 -1.149 1.00 0.00 ? 1  DC  A "C4'"  1 
ATOM   4   O  "O4'"  . DC  A 1 1 ? -4.265  -16.886 0.129  1.00 0.00 ? 1  DC  A "O4'"  1 
ATOM   5   C  "C3'"  . DC  A 1 1 ? -3.726  -16.329 -2.083 1.00 0.00 ? 1  DC  A "C3'"  1 
ATOM   6   O  "O3'"  . DC  A 1 1 ? -4.328  -16.497 -3.354 1.00 0.00 ? 1  DC  A "O3'"  1 
ATOM   7   C  "C2'"  . DC  A 1 1 ? -4.238  -15.082 -1.361 1.00 0.00 ? 1  DC  A "C2'"  1 
ATOM   8   C  "C1'"  . DC  A 1 1 ? -4.849  -15.617 -0.068 1.00 0.00 ? 1  DC  A "C1'"  1 
ATOM   9   N  N1     . DC  A 1 1 ? -4.585  -14.691 1.061  1.00 0.00 ? 1  DC  A N1     1 
ATOM   10  C  C2     . DC  A 1 1 ? -5.478  -13.642 1.260  1.00 0.00 ? 1  DC  A C2     1 
ATOM   11  O  O2     . DC  A 1 1 ? -6.446  -13.493 0.519  1.00 0.00 ? 1  DC  A O2     1 
ATOM   12  N  N3     . DC  A 1 1 ? -5.238  -12.774 2.281  1.00 0.00 ? 1  DC  A N3     1 
ATOM   13  C  C4     . DC  A 1 1 ? -4.164  -12.911 3.071  1.00 0.00 ? 1  DC  A C4     1 
ATOM   14  N  N4     . DC  A 1 1 ? -3.972  -12.029 4.061  1.00 0.00 ? 1  DC  A N4     1 
ATOM   15  C  C5     . DC  A 1 1 ? -3.219  -13.971 2.864  1.00 0.00 ? 1  DC  A C5     1 
ATOM   16  C  C6     . DC  A 1 1 ? -3.473  -14.829 1.850  1.00 0.00 ? 1  DC  A C6     1 
ATOM   17  H  "H5'"  . DC  A 1 1 ? -2.115  -18.174 -0.831 1.00 0.00 ? 1  DC  A "H5'"  1 
ATOM   18  H  "H5''" . DC  A 1 1 ? -3.382  -19.343 -0.396 1.00 0.00 ? 1  DC  A "H5''" 1 
ATOM   19  H  "H4'"  . DC  A 1 1 ? -5.093  -17.876 -1.464 1.00 0.00 ? 1  DC  A "H4'"  1 
ATOM   20  H  "H3'"  . DC  A 1 1 ? -2.640  -16.292 -2.176 1.00 0.00 ? 1  DC  A "H3'"  1 
ATOM   21  H  "H2'"  . DC  A 1 1 ? -3.409  -14.406 -1.151 1.00 0.00 ? 1  DC  A "H2'"  1 
ATOM   22  H  "H2''" . DC  A 1 1 ? -5.008  -14.574 -1.937 1.00 0.00 ? 1  DC  A "H2''" 1 
ATOM   23  H  "H1'"  . DC  A 1 1 ? -5.922  -15.753 -0.212 1.00 0.00 ? 1  DC  A "H1'"  1 
ATOM   24  H  H41    . DC  A 1 1 ? -4.637  -11.280 4.200  1.00 0.00 ? 1  DC  A H41    1 
ATOM   25  H  H42    . DC  A 1 1 ? -3.168  -12.110 4.666  1.00 0.00 ? 1  DC  A H42    1 
ATOM   26  H  H5     . DC  A 1 1 ? -2.335  -14.106 3.470  1.00 0.00 ? 1  DC  A H5     1 
ATOM   27  H  H6     . DC  A 1 1 ? -2.779  -15.636 1.661  1.00 0.00 ? 1  DC  A H6     1 
ATOM   28  H  "HO5'" . DC  A 1 1 ? -2.759  -18.491 -3.033 1.00 0.00 ? 1  DC  A "HO5'" 1 
ATOM   29  P  P      . DC  A 1 2 ? -3.946  -15.553 -4.610 1.00 0.00 ? 2  DC  A P      1 
ATOM   30  O  OP1    . DC  A 1 2 ? -4.502  -16.172 -5.833 1.00 0.00 ? 2  DC  A OP1    1 
ATOM   31  O  OP2    . DC  A 1 2 ? -2.498  -15.252 -4.536 1.00 0.00 ? 2  DC  A OP2    1 
ATOM   32  O  "O5'"  . DC  A 1 2 ? -4.755  -14.185 -4.331 1.00 0.00 ? 2  DC  A "O5'"  1 
ATOM   33  C  "C5'"  . DC  A 1 2 ? -6.158  -14.120 -4.491 1.00 0.00 ? 2  DC  A "C5'"  1 
ATOM   34  C  "C4'"  . DC  A 1 2 ? -6.676  -12.748 -4.057 1.00 0.00 ? 2  DC  A "C4'"  1 
ATOM   35  O  "O4'"  . DC  A 1 2 ? -6.358  -12.515 -2.702 1.00 0.00 ? 2  DC  A "O4'"  1 
ATOM   36  C  "C3'"  . DC  A 1 2 ? -6.058  -11.595 -4.855 1.00 0.00 ? 2  DC  A "C3'"  1 
ATOM   37  O  "O3'"  . DC  A 1 2 ? -6.972  -11.159 -5.848 1.00 0.00 ? 2  DC  A "O3'"  1 
ATOM   38  C  "C2'"  . DC  A 1 2 ? -5.796  -10.524 -3.795 1.00 0.00 ? 2  DC  A "C2'"  1 
ATOM   39  C  "C1'"  . DC  A 1 2 ? -6.358  -11.118 -2.508 1.00 0.00 ? 2  DC  A "C1'"  1 
ATOM   40  N  N1     . DC  A 1 2 ? -5.528  -10.739 -1.338 1.00 0.00 ? 2  DC  A N1     1 
ATOM   41  C  C2     . DC  A 1 2 ? -5.941  -9.665  -0.556 1.00 0.00 ? 2  DC  A C2     1 
ATOM   42  O  O2     . DC  A 1 2 ? -6.947  -9.021  -0.850 1.00 0.00 ? 2  DC  A O2     1 
ATOM   43  N  N3     . DC  A 1 2 ? -5.199  -9.339  0.536  1.00 0.00 ? 2  DC  A N3     1 
ATOM   44  C  C4     . DC  A 1 2 ? -4.083  -10.013 0.845  1.00 0.00 ? 2  DC  A C4     1 
ATOM   45  N  N4     . DC  A 1 2 ? -3.391  -9.652  1.934  1.00 0.00 ? 2  DC  A N4     1 
ATOM   46  C  C5     . DC  A 1 2 ? -3.614  -11.091 0.022  1.00 0.00 ? 2  DC  A C5     1 
ATOM   47  C  C6     . DC  A 1 2 ? -4.370  -11.412 -1.052 1.00 0.00 ? 2  DC  A C6     1 
ATOM   48  H  "H5'"  . DC  A 1 2 ? -6.633  -14.887 -3.878 1.00 0.00 ? 2  DC  A "H5'"  1 
ATOM   49  H  "H5''" . DC  A 1 2 ? -6.416  -14.287 -5.537 1.00 0.00 ? 2  DC  A "H5''" 1 
ATOM   50  H  "H4'"  . DC  A 1 2 ? -7.760  -12.719 -4.173 1.00 0.00 ? 2  DC  A "H4'"  1 
ATOM   51  H  "H3'"  . DC  A 1 2 ? -5.122  -11.908 -5.315 1.00 0.00 ? 2  DC  A "H3'"  1 
ATOM   52  H  "H2'"  . DC  A 1 2 ? -4.725  -10.342 -3.706 1.00 0.00 ? 2  DC  A "H2'"  1 
ATOM   53  H  "H2''" . DC  A 1 2 ? -6.316  -9.595  -4.015 1.00 0.00 ? 2  DC  A "H2''" 1 
ATOM   54  H  "H1'"  . DC  A 1 2 ? -7.392  -10.791 -2.388 1.00 0.00 ? 2  DC  A "H1'"  1 
ATOM   55  H  H41    . DC  A 1 2 ? -3.723  -8.891  2.508  1.00 0.00 ? 2  DC  A H41    1 
ATOM   56  H  H42    . DC  A 1 2 ? -2.545  -10.145 2.183  1.00 0.00 ? 2  DC  A H42    1 
ATOM   57  H  H5     . DC  A 1 2 ? -2.708  -11.643 0.224  1.00 0.00 ? 2  DC  A H5     1 
ATOM   58  H  H6     . DC  A 1 2 ? -4.050  -12.214 -1.700 1.00 0.00 ? 2  DC  A H6     1 
ATOM   59  P  P      . DT  A 1 3 ? -6.588  -10.013 -6.923 1.00 0.00 ? 3  DT  A P      1 
ATOM   60  O  OP1    . DT  A 1 3 ? -7.549  -10.098 -8.045 1.00 0.00 ? 3  DT  A OP1    1 
ATOM   61  O  OP2    . DT  A 1 3 ? -5.135  -10.097 -7.193 1.00 0.00 ? 3  DT  A OP2    1 
ATOM   62  O  "O5'"  . DT  A 1 3 ? -6.872  -8.640  -6.127 1.00 0.00 ? 3  DT  A "O5'"  1 
ATOM   63  C  "C5'"  . DT  A 1 3 ? -8.191  -8.235  -5.817 1.00 0.00 ? 3  DT  A "C5'"  1 
ATOM   64  C  "C4'"  . DT  A 1 3 ? -8.165  -7.004  -4.909 1.00 0.00 ? 3  DT  A "C4'"  1 
ATOM   65  O  "O4'"  . DT  A 1 3 ? -7.499  -7.305  -3.702 1.00 0.00 ? 3  DT  A "O4'"  1 
ATOM   66  C  "C3'"  . DT  A 1 3 ? -7.417  -5.820  -5.523 1.00 0.00 ? 3  DT  A "C3'"  1 
ATOM   67  O  "O3'"  . DT  A 1 3 ? -8.335  -4.949  -6.159 1.00 0.00 ? 3  DT  A "O3'"  1 
ATOM   68  C  "C2'"  . DT  A 1 3 ? -6.736  -5.169  -4.318 1.00 0.00 ? 3  DT  A "C2'"  1 
ATOM   69  C  "C1'"  . DT  A 1 3 ? -7.076  -6.081  -3.141 1.00 0.00 ? 3  DT  A "C1'"  1 
ATOM   70  N  N1     . DT  A 1 3 ? -5.900  -6.297  -2.265 1.00 0.00 ? 3  DT  A N1     1 
ATOM   71  C  C2     . DT  A 1 3 ? -5.857  -5.635  -1.044 1.00 0.00 ? 3  DT  A C2     1 
ATOM   72  O  O2     . DT  A 1 3 ? -6.706  -4.816  -0.701 1.00 0.00 ? 3  DT  A O2     1 
ATOM   73  N  N3     . DT  A 1 3 ? -4.767  -5.919  -0.233 1.00 0.00 ? 3  DT  A N3     1 
ATOM   74  C  C4     . DT  A 1 3 ? -3.714  -6.767  -0.548 1.00 0.00 ? 3  DT  A C4     1 
ATOM   75  O  O4     . DT  A 1 3 ? -2.790  -6.932  0.246  1.00 0.00 ? 3  DT  A O4     1 
ATOM   76  C  C5     . DT  A 1 3 ? -3.805  -7.361  -1.865 1.00 0.00 ? 3  DT  A C5     1 
ATOM   77  C  C7     . DT  A 1 3 ? -2.685  -8.252  -2.356 1.00 0.00 ? 3  DT  A C7     1 
ATOM   78  C  C6     . DT  A 1 3 ? -4.872  -7.115  -2.663 1.00 0.00 ? 3  DT  A C6     1 
ATOM   79  H  "H5'"  . DT  A 1 3 ? -8.707  -9.043  -5.297 1.00 0.00 ? 3  DT  A "H5'"  1 
ATOM   80  H  "H5''" . DT  A 1 3 ? -8.728  -7.998  -6.735 1.00 0.00 ? 3  DT  A "H5''" 1 
ATOM   81  H  "H4'"  . DT  A 1 3 ? -9.189  -6.701  -4.682 1.00 0.00 ? 3  DT  A "H4'"  1 
ATOM   82  H  "H3'"  . DT  A 1 3 ? -6.669  -6.169  -6.235 1.00 0.00 ? 3  DT  A "H3'"  1 
ATOM   83  H  "H2'"  . DT  A 1 3 ? -5.658  -5.115  -4.478 1.00 0.00 ? 3  DT  A "H2'"  1 
ATOM   84  H  "H2''" . DT  A 1 3 ? -7.134  -4.176  -4.124 1.00 0.00 ? 3  DT  A "H2''" 1 
ATOM   85  H  "H1'"  . DT  A 1 3 ? -7.913  -5.650  -2.590 1.00 0.00 ? 3  DT  A "H1'"  1 
ATOM   86  H  H3     . DT  A 1 3 ? -4.729  -5.448  0.660  1.00 0.00 ? 3  DT  A H3     1 
ATOM   87  H  H71    . DT  A 1 3 ? -2.458  -9.003  -1.599 1.00 0.00 ? 3  DT  A H71    1 
ATOM   88  H  H72    . DT  A 1 3 ? -2.971  -8.752  -3.280 1.00 0.00 ? 3  DT  A H72    1 
ATOM   89  H  H73    . DT  A 1 3 ? -1.797  -7.646  -2.537 1.00 0.00 ? 3  DT  A H73    1 
ATOM   90  H  H6     . DT  A 1 3 ? -4.921  -7.572  -3.640 1.00 0.00 ? 3  DT  A H6     1 
ATOM   91  P  P      . DC  A 1 4 ? -7.840  -3.677  -7.025 1.00 0.00 ? 4  DC  A P      1 
ATOM   92  O  OP1    . DC  A 1 4 ? -8.982  -3.204  -7.839 1.00 0.00 ? 4  DC  A OP1    1 
ATOM   93  O  OP2    . DC  A 1 4 ? -6.566  -4.034  -7.689 1.00 0.00 ? 4  DC  A OP2    1 
ATOM   94  O  "O5'"  . DC  A 1 4 ? -7.526  -2.558  -5.910 1.00 0.00 ? 4  DC  A "O5'"  1 
ATOM   95  C  "C5'"  . DC  A 1 4 ? -8.569  -1.891  -5.226 1.00 0.00 ? 4  DC  A "C5'"  1 
ATOM   96  C  "C4'"  . DC  A 1 4 ? -7.986  -0.969  -4.154 1.00 0.00 ? 4  DC  A "C4'"  1 
ATOM   97  O  "O4'"  . DC  A 1 4 ? -7.301  -1.732  -3.186 1.00 0.00 ? 4  DC  A "O4'"  1 
ATOM   98  C  "C3'"  . DC  A 1 4 ? -6.967  0.023   -4.717 1.00 0.00 ? 4  DC  A "C3'"  1 
ATOM   99  O  "O3'"  . DC  A 1 4 ? -7.602  1.261   -4.976 1.00 0.00 ? 4  DC  A "O3'"  1 
ATOM   100 C  "C2'"  . DC  A 1 4 ? -5.917  0.128   -3.610 1.00 0.00 ? 4  DC  A "C2'"  1 
ATOM   101 C  "C1'"  . DC  A 1 4 ? -6.365  -0.888  -2.553 1.00 0.00 ? 4  DC  A "C1'"  1 
ATOM   102 N  N1     . DC  A 1 4 ? -5.233  -1.712  -2.059 1.00 0.00 ? 4  DC  A N1     1 
ATOM   103 C  C2     . DC  A 1 4 ? -4.857  -1.613  -0.721 1.00 0.00 ? 4  DC  A C2     1 
ATOM   104 O  O2     . DC  A 1 4 ? -5.421  -0.828  0.039  1.00 0.00 ? 4  DC  A O2     1 
ATOM   105 N  N3     . DC  A 1 4 ? -3.830  -2.390  -0.280 1.00 0.00 ? 4  DC  A N3     1 
ATOM   106 C  C4     . DC  A 1 4 ? -3.203  -3.247  -1.100 1.00 0.00 ? 4  DC  A C4     1 
ATOM   107 N  N4     . DC  A 1 4 ? -2.216  -4.006  -0.610 1.00 0.00 ? 4  DC  A N4     1 
ATOM   108 C  C5     . DC  A 1 4 ? -3.584  -3.371  -2.476 1.00 0.00 ? 4  DC  A C5     1 
ATOM   109 C  C6     . DC  A 1 4 ? -4.598  -2.587  -2.903 1.00 0.00 ? 4  DC  A C6     1 
ATOM   110 H  "H5'"  . DC  A 1 4 ? -9.221  -2.623  -4.749 1.00 0.00 ? 4  DC  A "H5'"  1 
ATOM   111 H  "H5''" . DC  A 1 4 ? -9.151  -1.298  -5.932 1.00 0.00 ? 4  DC  A "H5''" 1 
ATOM   112 H  "H4'"  . DC  A 1 4 ? -8.791  -0.418  -3.667 1.00 0.00 ? 4  DC  A "H4'"  1 
ATOM   113 H  "H3'"  . DC  A 1 4 ? -6.515  -0.374  -5.626 1.00 0.00 ? 4  DC  A "H3'"  1 
ATOM   114 H  "H2'"  . DC  A 1 4 ? -4.931  -0.115  -4.006 1.00 0.00 ? 4  DC  A "H2'"  1 
ATOM   115 H  "H2''" . DC  A 1 4 ? -5.908  1.129   -3.180 1.00 0.00 ? 4  DC  A "H2''" 1 
ATOM   116 H  "H1'"  . DC  A 1 4 ? -6.869  -0.353  -1.748 1.00 0.00 ? 4  DC  A "H1'"  1 
ATOM   117 H  H41    . DC  A 1 4 ? -1.958  -3.930  0.364  1.00 0.00 ? 4  DC  A H41    1 
ATOM   118 H  H42    . DC  A 1 4 ? -1.752  -4.677  -1.204 1.00 0.00 ? 4  DC  A H42    1 
ATOM   119 H  H5     . DC  A 1 4 ? -3.109  -4.053  -3.166 1.00 0.00 ? 4  DC  A H5     1 
ATOM   120 H  H6     . DC  A 1 4 ? -4.917  -2.650  -3.934 1.00 0.00 ? 4  DC  A H6     1 
ATOM   121 P  P      . DG  A 1 5 ? -6.941  2.376   -5.943 1.00 0.00 ? 5  DG  A P      1 
ATOM   122 O  OP1    . DG  A 1 5 ? -7.980  3.386   -6.246 1.00 0.00 ? 5  DG  A OP1    1 
ATOM   123 O  OP2    . DG  A 1 5 ? -6.260  1.676   -7.056 1.00 0.00 ? 5  DG  A OP2    1 
ATOM   124 O  "O5'"  . DG  A 1 5 ? -5.812  3.083   -5.037 1.00 0.00 ? 5  DG  A "O5'"  1 
ATOM   125 C  "C5'"  . DG  A 1 5 ? -6.158  3.965   -3.989 1.00 0.00 ? 5  DG  A "C5'"  1 
ATOM   126 C  "C4'"  . DG  A 1 5 ? -4.891  4.581   -3.404 1.00 0.00 ? 5  DG  A "C4'"  1 
ATOM   127 O  "O4'"  . DG  A 1 5 ? -3.947  3.576   -3.062 1.00 0.00 ? 5  DG  A "O4'"  1 
ATOM   128 C  "C3'"  . DG  A 1 5 ? -4.124  5.485   -4.372 1.00 0.00 ? 5  DG  A "C3'"  1 
ATOM   129 O  "O3'"  . DG  A 1 5 ? -4.489  6.853   -4.175 1.00 0.00 ? 5  DG  A "O3'"  1 
ATOM   130 C  "C2'"  . DG  A 1 5 ? -2.653  5.224   -4.012 1.00 0.00 ? 5  DG  A "C2'"  1 
ATOM   131 C  "C1'"  . DG  A 1 5 ? -2.747  4.289   -2.814 1.00 0.00 ? 5  DG  A "C1'"  1 
ATOM   132 N  N9     . DG  A 1 5 ? -1.602  3.407   -2.697 1.00 0.00 ? 5  DG  A N9     1 
ATOM   133 C  C8     . DG  A 1 5 ? -1.191  2.551   -3.689 1.00 0.00 ? 5  DG  A C8     1 
ATOM   134 N  N7     . DG  A 1 5 ? 0.160   2.096   -3.509 1.00 0.00 ? 5  DG  A N7     1 
ATOM   135 C  C5     . DG  A 1 5 ? 0.471   2.848   -2.314 1.00 0.00 ? 5  DG  A C5     1 
ATOM   136 C  C6     . DG  A 1 5 ? 1.696   2.790   -1.601 1.00 0.00 ? 5  DG  A C6     1 
ATOM   137 O  O6     . DG  A 1 5 ? 2.656   2.080   -1.889 1.00 0.00 ? 5  DG  A O6     1 
ATOM   138 N  N1     . DG  A 1 5 ? 1.783   3.550   -0.498 1.00 0.00 ? 5  DG  A N1     1 
ATOM   139 C  C2     . DG  A 1 5 ? 0.664   4.397   -0.083 1.00 0.00 ? 5  DG  A C2     1 
ATOM   140 N  N2     . DG  A 1 5 ? 0.784   5.140   1.024  1.00 0.00 ? 5  DG  A N2     1 
ATOM   141 N  N3     . DG  A 1 5 ? -0.499  4.448   -0.757 1.00 0.00 ? 5  DG  A N3     1 
ATOM   142 C  C4     . DG  A 1 5 ? -0.535  3.652   -1.849 1.00 0.00 ? 5  DG  A C4     1 
ATOM   143 H  "H5'"  . DG  A 1 5 ? -6.683  3.421   -3.203 1.00 0.00 ? 5  DG  A "H5'"  1 
ATOM   144 H  "H5''" . DG  A 1 5 ? -6.792  4.770   -4.362 1.00 0.00 ? 5  DG  A "H5''" 1 
ATOM   145 H  "H4'"  . DG  A 1 5 ? -5.142  5.170   -2.510 1.00 0.00 ? 5  DG  A "H4'"  1 
ATOM   146 H  "H3'"  . DG  A 1 5 ? -4.333  5.165   -5.403 1.00 0.00 ? 5  DG  A "H3'"  1 
ATOM   147 H  "H2'"  . DG  A 1 5 ? -2.146  4.732   -4.853 1.00 0.00 ? 5  DG  A "H2'"  1 
ATOM   148 H  "H2''" . DG  A 1 5 ? -2.129  6.145   -3.734 1.00 0.00 ? 5  DG  A "H2''" 1 
ATOM   149 H  "H1'"  . DG  A 1 5 ? -2.751  4.780   -1.943 1.00 0.00 ? 5  DG  A "H1'"  1 
ATOM   150 H  H8     . DG  A 1 5 ? -1.784  2.228   -4.533 1.00 0.00 ? 5  DG  A H8     1 
ATOM   151 H  H1     . DG  A 1 5 ? 2.601   3.575   0.094  1.00 0.00 ? 5  DG  A H1     1 
ATOM   152 H  H21    . DG  A 1 5 ? 1.641   5.119   1.559  1.00 0.00 ? 5  DG  A H21    1 
ATOM   153 H  H22    . DG  A 1 5 ? 0.021   5.733   1.317  1.00 0.00 ? 5  DG  A H22    1 
ATOM   154 P  P      . DT  A 1 6 ? -4.000  7.775   -5.411 1.00 0.00 ? 6  DT  A P      1 
ATOM   155 O  OP1    . DT  A 1 6 ? -5.004  7.639   -6.491 1.00 0.00 ? 6  DT  A OP1    1 
ATOM   156 O  OP2    . DT  A 1 6 ? -2.577  7.494   -5.704 1.00 0.00 ? 6  DT  A OP2    1 
ATOM   157 O  "O5'"  . DT  A 1 6 ? -4.117  9.274   -4.817 1.00 0.00 ? 6  DT  A "O5'"  1 
ATOM   158 C  "C5'"  . DT  A 1 6 ? -2.980  10.037  -4.452 1.00 0.00 ? 6  DT  A "C5'"  1 
ATOM   159 C  "C4'"  . DT  A 1 6 ? -2.377  9.628   -3.102 1.00 0.00 ? 6  DT  A "C4'"  1 
ATOM   160 O  "O4'"  . DT  A 1 6 ? -1.713  8.380   -3.202 1.00 0.00 ? 6  DT  A "O4'"  1 
ATOM   161 C  "C3'"  . DT  A 1 6 ? -1.306  10.652  -2.699 1.00 0.00 ? 6  DT  A "C3'"  1 
ATOM   162 O  "O3'"  . DT  A 1 6 ? -1.665  11.477  -1.594 1.00 0.00 ? 6  DT  A "O3'"  1 
ATOM   163 C  "C2'"  . DT  A 1 6 ? -0.045  9.823   -2.481 1.00 0.00 ? 6  DT  A "C2'"  1 
ATOM   164 C  "C1'"  . DT  A 1 6 ? -0.579  8.402   -2.358 1.00 0.00 ? 6  DT  A "C1'"  1 
ATOM   165 N  N1     . DT  A 1 6 ? 0.458   7.413   -2.749 1.00 0.00 ? 6  DT  A N1     1 
ATOM   166 C  C2     . DT  A 1 6 ? 1.427   7.095   -1.805 1.00 0.00 ? 6  DT  A C2     1 
ATOM   167 O  O2     . DT  A 1 6 ? 1.446   7.595   -0.684 1.00 0.00 ? 6  DT  A O2     1 
ATOM   168 N  N3     . DT  A 1 6 ? 2.385   6.167   -2.192 1.00 0.00 ? 6  DT  A N3     1 
ATOM   169 C  C4     . DT  A 1 6 ? 2.455   5.540   -3.428 1.00 0.00 ? 6  DT  A C4     1 
ATOM   170 O  O4     . DT  A 1 6 ? 3.340   4.720   -3.659 1.00 0.00 ? 6  DT  A O4     1 
ATOM   171 C  C5     . DT  A 1 6 ? 1.425   5.947   -4.360 1.00 0.00 ? 6  DT  A C5     1 
ATOM   172 C  C7     . DT  A 1 6 ? 1.392   5.345   -5.747 1.00 0.00 ? 6  DT  A C7     1 
ATOM   173 C  C6     . DT  A 1 6 ? 0.482   6.850   -4.000 1.00 0.00 ? 6  DT  A C6     1 
ATOM   174 H  "H5'"  . DT  A 1 6 ? -3.303  11.075  -4.368 1.00 0.00 ? 6  DT  A "H5'"  1 
ATOM   175 H  "H5''" . DT  A 1 6 ? -2.223  9.977   -5.235 1.00 0.00 ? 6  DT  A "H5''" 1 
ATOM   176 H  "H4'"  . DT  A 1 6 ? -3.170  9.573   -2.358 1.00 0.00 ? 6  DT  A "H4'"  1 
ATOM   177 H  "H3'"  . DT  A 1 6 ? -1.122  11.315  -3.545 1.00 0.00 ? 6  DT  A "H3'"  1 
ATOM   178 H  "H2'"  . DT  A 1 6 ? 0.597   9.902   -3.357 1.00 0.00 ? 6  DT  A "H2'"  1 
ATOM   179 H  "H2''" . DT  A 1 6 ? 0.503   10.120  -1.594 1.00 0.00 ? 6  DT  A "H2''" 1 
ATOM   180 H  "H1'"  . DT  A 1 6 ? -0.899  8.217   -1.333 1.00 0.00 ? 6  DT  A "H1'"  1 
ATOM   181 H  H3     . DT  A 1 6 ? 3.092   5.922   -1.513 1.00 0.00 ? 6  DT  A H3     1 
ATOM   182 H  H71    . DT  A 1 6 ? 2.407   5.127   -6.081 1.00 0.00 ? 6  DT  A H71    1 
ATOM   183 H  H72    . DT  A 1 6 ? 0.812   4.422   -5.727 1.00 0.00 ? 6  DT  A H72    1 
ATOM   184 H  H73    . DT  A 1 6 ? 0.932   6.043   -6.446 1.00 0.00 ? 6  DT  A H73    1 
ATOM   185 H  H6     . DT  A 1 6 ? -0.266  7.136   -4.723 1.00 0.00 ? 6  DT  A H6     1 
ATOM   186 P  P      . DC  A 1 7 ? -1.859  10.961  -0.064 1.00 0.00 ? 7  DC  A P      1 
ATOM   187 O  OP1    . DC  A 1 7 ? -2.515  9.636   -0.079 1.00 0.00 ? 7  DC  A OP1    1 
ATOM   188 O  OP2    . DC  A 1 7 ? -2.474  12.065  0.705  1.00 0.00 ? 7  DC  A OP2    1 
ATOM   189 O  "O5'"  . DC  A 1 7 ? -0.356  10.763  0.490  1.00 0.00 ? 7  DC  A "O5'"  1 
ATOM   190 C  "C5'"  . DC  A 1 7 ? 0.539   11.853  0.606  1.00 0.00 ? 7  DC  A "C5'"  1 
ATOM   191 C  "C4'"  . DC  A 1 7 ? 1.928   11.327  0.976  1.00 0.00 ? 7  DC  A "C4'"  1 
ATOM   192 O  "O4'"  . DC  A 1 7 ? 2.260   10.265  0.107  1.00 0.00 ? 7  DC  A "O4'"  1 
ATOM   193 C  "C3'"  . DC  A 1 7 ? 3.017   12.391  0.796  1.00 0.00 ? 7  DC  A "C3'"  1 
ATOM   194 O  "O3'"  . DC  A 1 7 ? 3.472   12.839  2.061  1.00 0.00 ? 7  DC  A "O3'"  1 
ATOM   195 C  "C2'"  . DC  A 1 7 ? 4.119   11.668  0.020  1.00 0.00 ? 7  DC  A "C2'"  1 
ATOM   196 C  "C1'"  . DC  A 1 7 ? 3.661   10.215  -0.016 1.00 0.00 ? 7  DC  A "C1'"  1 
ATOM   197 N  N1     . DC  A 1 7 ? 4.037   9.552   -1.288 1.00 0.00 ? 7  DC  A N1     1 
ATOM   198 C  C2     . DC  A 1 7 ? 5.039   8.589   -1.268 1.00 0.00 ? 7  DC  A C2     1 
ATOM   199 O  O2     . DC  A 1 7 ? 5.682   8.368   -0.244 1.00 0.00 ? 7  DC  A O2     1 
ATOM   200 N  N3     . DC  A 1 7 ? 5.305   7.910   -2.417 1.00 0.00 ? 7  DC  A N3     1 
ATOM   201 C  C4     . DC  A 1 7 ? 4.642   8.173   -3.552 1.00 0.00 ? 7  DC  A C4     1 
ATOM   202 N  N4     . DC  A 1 7 ? 4.935   7.465   -4.651 1.00 0.00 ? 7  DC  A N4     1 
ATOM   203 C  C5     . DC  A 1 7 ? 3.645   9.202   -3.606 1.00 0.00 ? 7  DC  A C5     1 
ATOM   204 C  C6     . DC  A 1 7 ? 3.382   9.859   -2.453 1.00 0.00 ? 7  DC  A C6     1 
ATOM   205 H  "H5'"  . DC  A 1 7 ? 0.188   12.540  1.376  1.00 0.00 ? 7  DC  A "H5'"  1 
ATOM   206 H  "H5''" . DC  A 1 7 ? 0.594   12.377  -0.349 1.00 0.00 ? 7  DC  A "H5''" 1 
ATOM   207 H  "H4'"  . DC  A 1 7 ? 1.931   10.968  2.006  1.00 0.00 ? 7  DC  A "H4'"  1 
ATOM   208 H  "H3'"  . DC  A 1 7 ? 2.630   13.228  0.213  1.00 0.00 ? 7  DC  A "H3'"  1 
ATOM   209 H  "H2'"  . DC  A 1 7 ? 4.203   12.080  -0.986 1.00 0.00 ? 7  DC  A "H2'"  1 
ATOM   210 H  "H2''" . DC  A 1 7 ? 5.077   11.722  0.528  1.00 0.00 ? 7  DC  A "H2''" 1 
ATOM   211 H  "H1'"  . DC  A 1 7 ? 4.065   9.695   0.853  1.00 0.00 ? 7  DC  A "H1'"  1 
ATOM   212 H  H41    . DC  A 1 7 ? 5.641   6.743   -4.609 1.00 0.00 ? 7  DC  A H41    1 
ATOM   213 H  H42    . DC  A 1 7 ? 4.449   7.650   -5.516 1.00 0.00 ? 7  DC  A H42    1 
ATOM   214 H  H5     . DC  A 1 7 ? 3.107   9.464   -4.505 1.00 0.00 ? 7  DC  A H5     1 
ATOM   215 H  H6     . DC  A 1 7 ? 2.641   10.642  -2.449 1.00 0.00 ? 7  DC  A H6     1 
ATOM   216 P  P      . DC  A 1 8 ? 4.497   14.083  2.213  1.00 0.00 ? 8  DC  A P      1 
ATOM   217 O  OP1    . DC  A 1 8 ? 4.496   14.507  3.630  1.00 0.00 ? 8  DC  A OP1    1 
ATOM   218 O  OP2    . DC  A 1 8 ? 4.187   15.070  1.154  1.00 0.00 ? 8  DC  A OP2    1 
ATOM   219 O  "O5'"  . DC  A 1 8 ? 5.943   13.444  1.888  1.00 0.00 ? 8  DC  A "O5'"  1 
ATOM   220 C  "C5'"  . DC  A 1 8 ? 6.580   12.572  2.801  1.00 0.00 ? 8  DC  A "C5'"  1 
ATOM   221 C  "C4'"  . DC  A 1 8 ? 7.856   11.990  2.187  1.00 0.00 ? 8  DC  A "C4'"  1 
ATOM   222 O  "O4'"  . DC  A 1 8 ? 7.537   11.163  1.089  1.00 0.00 ? 8  DC  A "O4'"  1 
ATOM   223 C  "C3'"  . DC  A 1 8 ? 8.816   13.055  1.654  1.00 0.00 ? 8  DC  A "C3'"  1 
ATOM   224 O  "O3'"  . DC  A 1 8 ? 9.881   13.254  2.559  1.00 0.00 ? 8  DC  A "O3'"  1 
ATOM   225 C  "C2'"  . DC  A 1 8 ? 9.341   12.464  0.346  1.00 0.00 ? 8  DC  A "C2'"  1 
ATOM   226 C  "C1'"  . DC  A 1 8 ? 8.686   11.085  0.272  1.00 0.00 ? 8  DC  A "C1'"  1 
ATOM   227 N  N1     . DC  A 1 8 ? 8.310   10.737  -1.121 1.00 0.00 ? 8  DC  A N1     1 
ATOM   228 C  C2     . DC  A 1 8 ? 9.100   9.828   -1.818 1.00 0.00 ? 8  DC  A C2     1 
ATOM   229 O  O2     . DC  A 1 8 ? 10.120  9.363   -1.315 1.00 0.00 ? 8  DC  A O2     1 
ATOM   230 N  N3     . DC  A 1 8 ? 8.721   9.477   -3.078 1.00 0.00 ? 8  DC  A N3     1 
ATOM   231 C  C4     . DC  A 1 8 ? 7.631   10.007  -3.651 1.00 0.00 ? 8  DC  A C4     1 
ATOM   232 N  N4     . DC  A 1 8 ? 7.300   9.627   -4.891 1.00 0.00 ? 8  DC  A N4     1 
ATOM   233 C  C5     . DC  A 1 8 ? 6.832   10.981  -2.964 1.00 0.00 ? 8  DC  A C5     1 
ATOM   234 C  C6     . DC  A 1 8 ? 7.212   11.309  -1.709 1.00 0.00 ? 8  DC  A C6     1 
ATOM   235 H  "H5'"  . DC  A 1 8 ? 5.906   11.753  3.054  1.00 0.00 ? 8  DC  A "H5'"  1 
ATOM   236 H  "H5''" . DC  A 1 8 ? 6.835   13.118  3.711  1.00 0.00 ? 8  DC  A "H5''" 1 
ATOM   237 H  "H4'"  . DC  A 1 8 ? 8.372   11.390  2.937  1.00 0.00 ? 8  DC  A "H4'"  1 
ATOM   238 H  "H3'"  . DC  A 1 8 ? 8.307   14.000  1.464  1.00 0.00 ? 8  DC  A "H3'"  1 
ATOM   239 H  "HO3'" . DC  A 1 8 ? 9.487   13.627  3.459  1.00 0.00 ? 8  DC  A "HO3'" 1 
ATOM   240 H  "H2'"  . DC  A 1 8 ? 9.040   13.087  -0.496 1.00 0.00 ? 8  DC  A "H2'"  1 
ATOM   241 H  "H2''" . DC  A 1 8 ? 10.427  12.366  0.370  1.00 0.00 ? 8  DC  A "H2''" 1 
ATOM   242 H  "H1'"  . DC  A 1 8 ? 9.363   10.347  0.705  1.00 0.00 ? 8  DC  A "H1'"  1 
ATOM   243 H  H41    . DC  A 1 8 ? 7.852   8.929   -5.369 1.00 0.00 ? 8  DC  A H41    1 
ATOM   244 H  H42    . DC  A 1 8 ? 6.481   10.015  -5.337 1.00 0.00 ? 8  DC  A H42    1 
ATOM   245 H  H5     . DC  A 1 8 ? 5.960   11.448  -3.399 1.00 0.00 ? 8  DC  A H5     1 
ATOM   246 H  H6     . DC  A 1 8 ? 6.642   12.044  -1.161 1.00 0.00 ? 8  DC  A H6     1 
ATOM   247 O  "O5'"  . DG  B 2 1 ? 15.845  2.369   -9.699 1.00 0.00 ? 1  DG  B "O5'"  1 
ATOM   248 C  "C5'"  . DG  B 2 1 ? 15.152  1.660   -8.696 1.00 0.00 ? 1  DG  B "C5'"  1 
ATOM   249 C  "C4'"  . DG  B 2 1 ? 14.927  2.567   -7.487 1.00 0.00 ? 1  DG  B "C4'"  1 
ATOM   250 O  "O4'"  . DG  B 2 1 ? 13.925  3.524   -7.768 1.00 0.00 ? 1  DG  B "O4'"  1 
ATOM   251 C  "C3'"  . DG  B 2 1 ? 14.425  1.780   -6.274 1.00 0.00 ? 1  DG  B "C3'"  1 
ATOM   252 O  "O3'"  . DG  B 2 1 ? 15.499  1.501   -5.393 1.00 0.00 ? 1  DG  B "O3'"  1 
ATOM   253 C  "C2'"  . DG  B 2 1 ? 13.391  2.713   -5.644 1.00 0.00 ? 1  DG  B "C2'"  1 
ATOM   254 C  "C1'"  . DG  B 2 1 ? 13.428  3.959   -6.523 1.00 0.00 ? 1  DG  B "C1'"  1 
ATOM   255 N  N9     . DG  B 2 1 ? 12.082  4.556   -6.651 1.00 0.00 ? 1  DG  B N9     1 
ATOM   256 C  C8     . DG  B 2 1 ? 11.110  4.300   -7.584 1.00 0.00 ? 1  DG  B C8     1 
ATOM   257 N  N7     . DG  B 2 1 ? 10.013  4.984   -7.408 1.00 0.00 ? 1  DG  B N7     1 
ATOM   258 C  C5     . DG  B 2 1 ? 10.271  5.746   -6.274 1.00 0.00 ? 1  DG  B C5     1 
ATOM   259 C  C6     . DG  B 2 1 ? 9.442   6.685   -5.594 1.00 0.00 ? 1  DG  B C6     1 
ATOM   260 O  O6     . DG  B 2 1 ? 8.294   7.024   -5.871 1.00 0.00 ? 1  DG  B O6     1 
ATOM   261 N  N1     . DG  B 2 1 ? 10.079  7.235   -4.486 1.00 0.00 ? 1  DG  B N1     1 
ATOM   262 C  C2     . DG  B 2 1 ? 11.360  6.915   -4.074 1.00 0.00 ? 1  DG  B C2     1 
ATOM   263 N  N2     . DG  B 2 1 ? 11.809  7.525   -2.970 1.00 0.00 ? 1  DG  B N2     1 
ATOM   264 N  N3     . DG  B 2 1 ? 12.139  6.032   -4.713 1.00 0.00 ? 1  DG  B N3     1 
ATOM   265 C  C4     . DG  B 2 1 ? 11.536  5.488   -5.802 1.00 0.00 ? 1  DG  B C4     1 
ATOM   266 H  "H5'"  . DG  B 2 1 ? 15.743  0.794   -8.397 1.00 0.00 ? 1  DG  B "H5'"  1 
ATOM   267 H  "H5''" . DG  B 2 1 ? 14.192  1.324   -9.088 1.00 0.00 ? 1  DG  B "H5''" 1 
ATOM   268 H  "H4'"  . DG  B 2 1 ? 15.853  3.080   -7.227 1.00 0.00 ? 1  DG  B "H4'"  1 
ATOM   269 H  "H3'"  . DG  B 2 1 ? 13.949  0.856   -6.605 1.00 0.00 ? 1  DG  B "H3'"  1 
ATOM   270 H  "H2'"  . DG  B 2 1 ? 12.405  2.250   -5.670 1.00 0.00 ? 1  DG  B "H2'"  1 
ATOM   271 H  "H2''" . DG  B 2 1 ? 13.656  2.985   -4.625 1.00 0.00 ? 1  DG  B "H2''" 1 
ATOM   272 H  "H1'"  . DG  B 2 1 ? 14.120  4.683   -6.091 1.00 0.00 ? 1  DG  B "H1'"  1 
ATOM   273 H  H8     . DG  B 2 1 ? 11.237  3.596   -8.392 1.00 0.00 ? 1  DG  B H8     1 
ATOM   274 H  H1     . DG  B 2 1 ? 9.556   7.910   -3.945 1.00 0.00 ? 1  DG  B H1     1 
ATOM   275 H  H21    . DG  B 2 1 ? 11.219  8.181   -2.477 1.00 0.00 ? 1  DG  B H21    1 
ATOM   276 H  H22    . DG  B 2 1 ? 12.733  7.316   -2.621 1.00 0.00 ? 1  DG  B H22    1 
ATOM   277 H  "HO5'" . DG  B 2 1 ? 16.690  2.656   -9.343 1.00 0.00 ? 1  DG  B "HO5'" 1 
ATOM   278 P  P      . DG  B 2 2 ? 15.326  0.526   -4.114 1.00 0.00 ? 2  DG  B P      1 
ATOM   279 O  OP1    . DG  B 2 2 ? 16.677  0.185   -3.614 1.00 0.00 ? 2  DG  B OP1    1 
ATOM   280 O  OP2    . DG  B 2 2 ? 14.390  -0.558  -4.485 1.00 0.00 ? 2  DG  B OP2    1 
ATOM   281 O  "O5'"  . DG  B 2 2 ? 14.606  1.453   -3.009 1.00 0.00 ? 2  DG  B "O5'"  1 
ATOM   282 C  "C5'"  . DG  B 2 2 ? 15.307  2.493   -2.358 1.00 0.00 ? 2  DG  B "C5'"  1 
ATOM   283 C  "C4'"  . DG  B 2 2 ? 14.355  3.287   -1.459 1.00 0.00 ? 2  DG  B "C4'"  1 
ATOM   284 O  "O4'"  . DG  B 2 2 ? 13.315  3.845   -2.236 1.00 0.00 ? 2  DG  B "O4'"  1 
ATOM   285 C  "C3'"  . DG  B 2 2 ? 13.695  2.423   -0.378 1.00 0.00 ? 2  DG  B "C3'"  1 
ATOM   286 O  "O3'"  . DG  B 2 2 ? 14.251  2.749   0.885  1.00 0.00 ? 2  DG  B "O3'"  1 
ATOM   287 C  "C2'"  . DG  B 2 2 ? 12.215  2.798   -0.470 1.00 0.00 ? 2  DG  B "C2'"  1 
ATOM   288 C  "C1'"  . DG  B 2 2 ? 12.211  4.019   -1.382 1.00 0.00 ? 2  DG  B "C1'"  1 
ATOM   289 N  N9     . DG  B 2 2 ? 10.953  4.108   -2.149 1.00 0.00 ? 2  DG  B N9     1 
ATOM   290 C  C8     . DG  B 2 2 ? 10.569  3.400   -3.258 1.00 0.00 ? 2  DG  B C8     1 
ATOM   291 N  N7     . DG  B 2 2 ? 9.397   3.733   -3.721 1.00 0.00 ? 2  DG  B N7     1 
ATOM   292 C  C5     . DG  B 2 2 ? 8.963   4.725   -2.849 1.00 0.00 ? 2  DG  B C5     1 
ATOM   293 C  C6     . DG  B 2 2 ? 7.755   5.478   -2.852 1.00 0.00 ? 2  DG  B C6     1 
ATOM   294 O  O6     . DG  B 2 2 ? 6.822   5.413   -3.649 1.00 0.00 ? 2  DG  B O6     1 
ATOM   295 N  N1     . DG  B 2 2 ? 7.693   6.363   -1.780 1.00 0.00 ? 2  DG  B N1     1 
ATOM   296 C  C2     . DG  B 2 2 ? 8.680   6.516   -0.824 1.00 0.00 ? 2  DG  B C2     1 
ATOM   297 N  N2     . DG  B 2 2 ? 8.437   7.389   0.161  1.00 0.00 ? 2  DG  B N2     1 
ATOM   298 N  N3     . DG  B 2 2 ? 9.827   5.823   -0.835 1.00 0.00 ? 2  DG  B N3     1 
ATOM   299 C  C4     . DG  B 2 2 ? 9.902   4.948   -1.871 1.00 0.00 ? 2  DG  B C4     1 
ATOM   300 H  "H5'"  . DG  B 2 2 ? 15.737  3.167   -3.100 1.00 0.00 ? 2  DG  B "H5'"  1 
ATOM   301 H  "H5''" . DG  B 2 2 ? 16.109  2.072   -1.749 1.00 0.00 ? 2  DG  B "H5''" 1 
ATOM   302 H  "H4'"  . DG  B 2 2 ? 14.907  4.097   -0.981 1.00 0.00 ? 2  DG  B "H4'"  1 
ATOM   303 H  "H3'"  . DG  B 2 2 ? 13.836  1.364   -0.595 1.00 0.00 ? 2  DG  B "H3'"  1 
ATOM   304 H  "H2'"  . DG  B 2 2 ? 11.649  1.981   -0.917 1.00 0.00 ? 2  DG  B "H2'"  1 
ATOM   305 H  "H2''" . DG  B 2 2 ? 11.790  3.064   0.493  1.00 0.00 ? 2  DG  B "H2''" 1 
ATOM   306 H  "H1'"  . DG  B 2 2 ? 12.356  4.917   -0.779 1.00 0.00 ? 2  DG  B "H1'"  1 
ATOM   307 H  H8     . DG  B 2 2 ? 11.185  2.639   -3.712 1.00 0.00 ? 2  DG  B H8     1 
ATOM   308 H  H1     . DG  B 2 2 ? 6.857   6.925   -1.702 1.00 0.00 ? 2  DG  B H1     1 
ATOM   309 H  H21    . DG  B 2 2 ? 7.565   7.899   0.183  1.00 0.00 ? 2  DG  B H21    1 
ATOM   310 H  H22    . DG  B 2 2 ? 9.124   7.530   0.889  1.00 0.00 ? 2  DG  B H22    1 
ATOM   311 P  P      . DA  B 2 3 ? 13.866  1.941   2.232  1.00 0.00 ? 3  DA  B P      1 
ATOM   312 O  OP1    . DA  B 2 3 ? 14.891  2.245   3.256  1.00 0.00 ? 3  DA  B OP1    1 
ATOM   313 O  OP2    . DA  B 2 3 ? 13.595  0.532   1.866  1.00 0.00 ? 3  DA  B OP2    1 
ATOM   314 O  "O5'"  . DA  B 2 3 ? 12.478  2.614   2.700  1.00 0.00 ? 3  DA  B "O5'"  1 
ATOM   315 C  "C5'"  . DA  B 2 3 ? 12.438  3.931   3.212  1.00 0.00 ? 3  DA  B "C5'"  1 
ATOM   316 C  "C4'"  . DA  B 2 3 ? 10.990  4.375   3.430  1.00 0.00 ? 3  DA  B "C4'"  1 
ATOM   317 O  "O4'"  . DA  B 2 3 ? 10.307  4.440   2.196  1.00 0.00 ? 3  DA  B "O4'"  1 
ATOM   318 C  "C3'"  . DA  B 2 3 ? 10.191  3.410   4.307  1.00 0.00 ? 3  DA  B "C3'"  1 
ATOM   319 O  "O3'"  . DA  B 2 3 ? 10.211  3.853   5.653  1.00 0.00 ? 3  DA  B "O3'"  1 
ATOM   320 C  "C2'"  . DA  B 2 3 ? 8.789   3.454   3.696  1.00 0.00 ? 3  DA  B "C2'"  1 
ATOM   321 C  "C1'"  . DA  B 2 3 ? 8.926   4.359   2.472  1.00 0.00 ? 3  DA  B "C1'"  1 
ATOM   322 N  N9     . DA  B 2 3 ? 8.214   3.800   1.304  1.00 0.00 ? 3  DA  B N9     1 
ATOM   323 C  C8     . DA  B 2 3 ? 8.603   2.772   0.482  1.00 0.00 ? 3  DA  B C8     1 
ATOM   324 N  N7     . DA  B 2 3 ? 7.791   2.547   -0.512 1.00 0.00 ? 3  DA  B N7     1 
ATOM   325 C  C5     . DA  B 2 3 ? 6.784   3.489   -0.336 1.00 0.00 ? 3  DA  B C5     1 
ATOM   326 C  C6     . DA  B 2 3 ? 5.620   3.789   -1.069 1.00 0.00 ? 3  DA  B C6     1 
ATOM   327 N  N6     . DA  B 2 3 ? 5.279   3.136   -2.186 1.00 0.00 ? 3  DA  B N6     1 
ATOM   328 N  N1     . DA  B 2 3 ? 4.828   4.780   -0.621 1.00 0.00 ? 3  DA  B N1     1 
ATOM   329 C  C2     . DA  B 2 3 ? 5.176   5.432   0.483  1.00 0.00 ? 3  DA  B C2     1 
ATOM   330 N  N3     . DA  B 2 3 ? 6.242   5.253   1.256  1.00 0.00 ? 3  DA  B N3     1 
ATOM   331 C  C4     . DA  B 2 3 ? 7.022   4.248   0.781  1.00 0.00 ? 3  DA  B C4     1 
ATOM   332 H  "H5'"  . DA  B 2 3 ? 12.911  4.612   2.503  1.00 0.00 ? 3  DA  B "H5'"  1 
ATOM   333 H  "H5''" . DA  B 2 3 ? 12.975  3.972   4.161  1.00 0.00 ? 3  DA  B "H5''" 1 
ATOM   334 H  "H4'"  . DA  B 2 3 ? 10.981  5.364   3.890  1.00 0.00 ? 3  DA  B "H4'"  1 
ATOM   335 H  "H3'"  . DA  B 2 3 ? 10.597  2.402   4.237  1.00 0.00 ? 3  DA  B "H3'"  1 
ATOM   336 H  "H2'"  . DA  B 2 3 ? 8.472   2.451   3.408  1.00 0.00 ? 3  DA  B "H2'"  1 
ATOM   337 H  "H2''" . DA  B 2 3 ? 8.071   3.892   4.385  1.00 0.00 ? 3  DA  B "H2''" 1 
ATOM   338 H  "H1'"  . DA  B 2 3 ? 8.546   5.353   2.714  1.00 0.00 ? 3  DA  B "H1'"  1 
ATOM   339 H  H8     . DA  B 2 3 ? 9.507   2.203   0.640  1.00 0.00 ? 3  DA  B H8     1 
ATOM   340 H  H61    . DA  B 2 3 ? 4.431   3.383   -2.676 1.00 0.00 ? 3  DA  B H61    1 
ATOM   341 H  H62    . DA  B 2 3 ? 5.872   2.397   -2.538 1.00 0.00 ? 3  DA  B H62    1 
ATOM   342 H  H2     . DA  B 2 3 ? 4.497   6.210   0.797  1.00 0.00 ? 3  DA  B H2     1 
ATOM   343 P  P      . DC  B 2 4 ? 9.578   2.970   6.850  1.00 0.00 ? 4  DC  B P      1 
ATOM   344 O  OP1    . DC  B 2 4 ? 10.095  3.499   8.132  1.00 0.00 ? 4  DC  B OP1    1 
ATOM   345 O  OP2    . DC  B 2 4 ? 9.762   1.540   6.520  1.00 0.00 ? 4  DC  B OP2    1 
ATOM   346 O  "O5'"  . DC  B 2 4 ? 8.004   3.304   6.771  1.00 0.00 ? 4  DC  B "O5'"  1 
ATOM   347 C  "C5'"  . DC  B 2 4 ? 7.495   4.541   7.228  1.00 0.00 ? 4  DC  B "C5'"  1 
ATOM   348 C  "C4'"  . DC  B 2 4 ? 6.018   4.665   6.854  1.00 0.00 ? 4  DC  B "C4'"  1 
ATOM   349 O  "O4'"  . DC  B 2 4 ? 5.881   4.616   5.450  1.00 0.00 ? 4  DC  B "O4'"  1 
ATOM   350 C  "C3'"  . DC  B 2 4 ? 5.163   3.522   7.402  1.00 0.00 ? 4  DC  B "C3'"  1 
ATOM   351 O  "O3'"  . DC  B 2 4 ? 4.596   3.874   8.650  1.00 0.00 ? 4  DC  B "O3'"  1 
ATOM   352 C  "C2'"  . DC  B 2 4 ? 4.094   3.346   6.327  1.00 0.00 ? 4  DC  B "C2'"  1 
ATOM   353 C  "C1'"  . DC  B 2 4 ? 4.563   4.211   5.153  1.00 0.00 ? 4  DC  B "C1'"  1 
ATOM   354 N  N1     . DC  B 2 4 ? 4.556   3.439   3.886  1.00 0.00 ? 4  DC  B N1     1 
ATOM   355 C  C2     . DC  B 2 4 ? 3.629   3.771   2.902  1.00 0.00 ? 4  DC  B C2     1 
ATOM   356 O  O2     . DC  B 2 4 ? 2.844   4.702   3.063  1.00 0.00 ? 4  DC  B O2     1 
ATOM   357 N  N3     . DC  B 2 4 ? 3.595   3.020   1.766  1.00 0.00 ? 4  DC  B N3     1 
ATOM   358 C  C4     . DC  B 2 4 ? 4.441   1.996   1.584  1.00 0.00 ? 4  DC  B C4     1 
ATOM   359 N  N4     . DC  B 2 4 ? 4.356   1.278   0.456  1.00 0.00 ? 4  DC  B N4     1 
ATOM   360 C  C5     . DC  B 2 4 ? 5.419   1.654   2.576  1.00 0.00 ? 4  DC  B C5     1 
ATOM   361 C  C6     . DC  B 2 4 ? 5.432   2.401   3.703  1.00 0.00 ? 4  DC  B C6     1 
ATOM   362 H  "H5'"  . DC  B 2 4 ? 8.045   5.359   6.761  1.00 0.00 ? 4  DC  B "H5'"  1 
ATOM   363 H  "H5''" . DC  B 2 4 ? 7.603   4.607   8.311  1.00 0.00 ? 4  DC  B "H5''" 1 
ATOM   364 H  "H4'"  . DC  B 2 4 ? 5.623   5.615   7.220  1.00 0.00 ? 4  DC  B "H4'"  1 
ATOM   365 H  "H3'"  . DC  B 2 4 ? 5.758   2.612   7.494  1.00 0.00 ? 4  DC  B "H3'"  1 
ATOM   366 H  "H2'"  . DC  B 2 4 ? 4.012   2.296   6.047  1.00 0.00 ? 4  DC  B "H2'"  1 
ATOM   367 H  "H2''" . DC  B 2 4 ? 3.132   3.716   6.684  1.00 0.00 ? 4  DC  B "H2''" 1 
ATOM   368 H  "H1'"  . DC  B 2 4 ? 3.934   5.100   5.101  1.00 0.00 ? 4  DC  B "H1'"  1 
ATOM   369 H  H41    . DC  B 2 4 ? 3.677   1.526   -0.251 1.00 0.00 ? 4  DC  B H41    1 
ATOM   370 H  H42    . DC  B 2 4 ? 4.989   0.507   0.299  1.00 0.00 ? 4  DC  B H42    1 
ATOM   371 H  H5     . DC  B 2 4 ? 6.121   0.842   2.464  1.00 0.00 ? 4  DC  B H5     1 
ATOM   372 H  H6     . DC  B 2 4 ? 6.143   2.167   4.482  1.00 0.00 ? 4  DC  B H6     1 
ATOM   373 P  P      . DG  B 2 5 ? 3.841   2.784   9.574  1.00 0.00 ? 5  DG  B P      1 
ATOM   374 O  OP1    . DG  B 2 5 ? 3.516   3.431   10.865 1.00 0.00 ? 5  DG  B OP1    1 
ATOM   375 O  OP2    . DG  B 2 5 ? 4.636   1.536   9.563  1.00 0.00 ? 5  DG  B OP2    1 
ATOM   376 O  "O5'"  . DG  B 2 5 ? 2.453   2.500   8.803  1.00 0.00 ? 5  DG  B "O5'"  1 
ATOM   377 C  "C5'"  . DG  B 2 5 ? 1.536   1.542   9.293  1.00 0.00 ? 5  DG  B "C5'"  1 
ATOM   378 C  "C4'"  . DG  B 2 5 ? 0.299   1.501   8.396  1.00 0.00 ? 5  DG  B "C4'"  1 
ATOM   379 O  "O4'"  . DG  B 2 5 ? 0.610   0.906   7.155  1.00 0.00 ? 5  DG  B "O4'"  1 
ATOM   380 C  "C3'"  . DG  B 2 5 ? -0.816  0.642   8.996  1.00 0.00 ? 5  DG  B "C3'"  1 
ATOM   381 O  "O3'"  . DG  B 2 5 ? -1.771  1.464   9.645  1.00 0.00 ? 5  DG  B "O3'"  1 
ATOM   382 C  "C2'"  . DG  B 2 5 ? -1.407  -0.080  7.782  1.00 0.00 ? 5  DG  B "C2'"  1 
ATOM   383 C  "C1'"  . DG  B 2 5 ? -0.611  0.470   6.604  1.00 0.00 ? 5  DG  B "C1'"  1 
ATOM   384 N  N9     . DG  B 2 5 ? -0.399  -0.564  5.570  1.00 0.00 ? 5  DG  B N9     1 
ATOM   385 C  C8     . DG  B 2 5 ? 0.605   -1.493  5.477  1.00 0.00 ? 5  DG  B C8     1 
ATOM   386 N  N7     . DG  B 2 5 ? 0.513   -2.272  4.436  1.00 0.00 ? 5  DG  B N7     1 
ATOM   387 C  C5     . DG  B 2 5 ? -0.638  -1.832  3.790  1.00 0.00 ? 5  DG  B C5     1 
ATOM   388 C  C6     . DG  B 2 5 ? -1.249  -2.306  2.594  1.00 0.00 ? 5  DG  B C6     1 
ATOM   389 O  O6     . DG  B 2 5 ? -0.886  -3.232  1.874  1.00 0.00 ? 5  DG  B O6     1 
ATOM   390 N  N1     . DG  B 2 5 ? -2.394  -1.583  2.272  1.00 0.00 ? 5  DG  B N1     1 
ATOM   391 C  C2     . DG  B 2 5 ? -2.907  -0.546  3.028  1.00 0.00 ? 5  DG  B C2     1 
ATOM   392 N  N2     . DG  B 2 5 ? -4.036  0.022   2.588  1.00 0.00 ? 5  DG  B N2     1 
ATOM   393 N  N3     . DG  B 2 5 ? -2.334  -0.104  4.158  1.00 0.00 ? 5  DG  B N3     1 
ATOM   394 C  C4     . DG  B 2 5 ? -1.206  -0.788  4.478  1.00 0.00 ? 5  DG  B C4     1 
ATOM   395 H  "H5'"  . DG  B 2 5 ? 1.235   1.812   10.306 1.00 0.00 ? 5  DG  B "H5'"  1 
ATOM   396 H  "H5''" . DG  B 2 5 ? 2.007   0.558   9.308  1.00 0.00 ? 5  DG  B "H5''" 1 
ATOM   397 H  "H4'"  . DG  B 2 5 ? -0.071  2.514   8.229  1.00 0.00 ? 5  DG  B "H4'"  1 
ATOM   398 H  "H3'"  . DG  B 2 5 ? -0.392  -0.079  9.695  1.00 0.00 ? 5  DG  B "H3'"  1 
ATOM   399 H  "H2'"  . DG  B 2 5 ? -1.267  -1.157  7.879  1.00 0.00 ? 5  DG  B "H2'"  1 
ATOM   400 H  "H2''" . DG  B 2 5 ? -2.460  0.153   7.643  1.00 0.00 ? 5  DG  B "H2''" 1 
ATOM   401 H  "H1'"  . DG  B 2 5 ? -1.143  1.323   6.181  1.00 0.00 ? 5  DG  B "H1'"  1 
ATOM   402 H  H8     . DG  B 2 5 ? 1.403   -1.573  6.200  1.00 0.00 ? 5  DG  B H8     1 
ATOM   403 H  H1     . DG  B 2 5 ? -2.893  -1.862  1.438  1.00 0.00 ? 5  DG  B H1     1 
ATOM   404 H  H21    . DG  B 2 5 ? -4.478  -0.316  1.743  1.00 0.00 ? 5  DG  B H21    1 
ATOM   405 H  H22    . DG  B 2 5 ? -4.457  0.777   3.109  1.00 0.00 ? 5  DG  B H22    1 
ATOM   406 P  P      . DA  B 2 6 ? -2.986  0.841   10.514 1.00 0.00 ? 6  DA  B P      1 
ATOM   407 O  OP1    . DA  B 2 6 ? -3.573  1.931   11.324 1.00 0.00 ? 6  DA  B OP1    1 
ATOM   408 O  OP2    . DA  B 2 6 ? -2.494  -0.384  11.183 1.00 0.00 ? 6  DA  B OP2    1 
ATOM   409 O  "O5'"  . DA  B 2 6 ? -4.073  0.404   9.405  1.00 0.00 ? 6  DA  B "O5'"  1 
ATOM   410 C  "C5'"  . DA  B 2 6 ? -4.822  1.370   8.696  1.00 0.00 ? 6  DA  B "C5'"  1 
ATOM   411 C  "C4'"  . DA  B 2 6 ? -5.668  0.696   7.614  1.00 0.00 ? 6  DA  B "C4'"  1 
ATOM   412 O  "O4'"  . DA  B 2 6 ? -4.835  0.028   6.691  1.00 0.00 ? 6  DA  B "O4'"  1 
ATOM   413 C  "C3'"  . DA  B 2 6 ? -6.635  -0.354  8.171  1.00 0.00 ? 6  DA  B "C3'"  1 
ATOM   414 O  "O3'"  . DA  B 2 6 ? -7.937  0.196   8.263  1.00 0.00 ? 6  DA  B "O3'"  1 
ATOM   415 C  "C2'"  . DA  B 2 6 ? -6.553  -1.490  7.150  1.00 0.00 ? 6  DA  B "C2'"  1 
ATOM   416 C  "C1'"  . DA  B 2 6 ? -5.624  -0.958  6.065  1.00 0.00 ? 6  DA  B "C1'"  1 
ATOM   417 N  N9     . DA  B 2 6 ? -4.779  -2.037  5.513  1.00 0.00 ? 6  DA  B N9     1 
ATOM   418 C  C8     . DA  B 2 6 ? -3.675  -2.633  6.066  1.00 0.00 ? 6  DA  B C8     1 
ATOM   419 N  N7     . DA  B 2 6 ? -3.145  -3.566  5.323  1.00 0.00 ? 6  DA  B N7     1 
ATOM   420 C  C5     . DA  B 2 6 ? -3.960  -3.594  4.197  1.00 0.00 ? 6  DA  B C5     1 
ATOM   421 C  C6     . DA  B 2 6 ? -3.937  -4.363  3.018  1.00 0.00 ? 6  DA  B C6     1 
ATOM   422 N  N6     . DA  B 2 6 ? -3.014  -5.302  2.772  1.00 0.00 ? 6  DA  B N6     1 
ATOM   423 N  N1     . DA  B 2 6 ? -4.888  -4.131  2.097  1.00 0.00 ? 6  DA  B N1     1 
ATOM   424 C  C2     . DA  B 2 6 ? -5.806  -3.200  2.332  1.00 0.00 ? 6  DA  B C2     1 
ATOM   425 N  N3     . DA  B 2 6 ? -5.939  -2.415  3.395  1.00 0.00 ? 6  DA  B N3     1 
ATOM   426 C  C4     . DA  B 2 6 ? -4.964  -2.667  4.305  1.00 0.00 ? 6  DA  B C4     1 
ATOM   427 H  "H5'"  . DA  B 2 6 ? -4.145  2.082   8.222  1.00 0.00 ? 6  DA  B "H5'"  1 
ATOM   428 H  "H5''" . DA  B 2 6 ? -5.477  1.905   9.385  1.00 0.00 ? 6  DA  B "H5''" 1 
ATOM   429 H  "H4'"  . DA  B 2 6 ? -6.241  1.458   7.082  1.00 0.00 ? 6  DA  B "H4'"  1 
ATOM   430 H  "H3'"  . DA  B 2 6 ? -6.300  -0.700  9.149  1.00 0.00 ? 6  DA  B "H3'"  1 
ATOM   431 H  "H2'"  . DA  B 2 6 ? -6.136  -2.383  7.617  1.00 0.00 ? 6  DA  B "H2'"  1 
ATOM   432 H  "H2''" . DA  B 2 6 ? -7.521  -1.716  6.712  1.00 0.00 ? 6  DA  B "H2''" 1 
ATOM   433 H  "H1'"  . DA  B 2 6 ? -6.219  -0.497  5.276  1.00 0.00 ? 6  DA  B "H1'"  1 
ATOM   434 H  H8     . DA  B 2 6 ? -3.278  -2.357  7.031  1.00 0.00 ? 6  DA  B H8     1 
ATOM   435 H  H61    . DA  B 2 6 ? -3.042  -5.831  1.912  1.00 0.00 ? 6  DA  B H61    1 
ATOM   436 H  H62    . DA  B 2 6 ? -2.291  -5.486  3.454  1.00 0.00 ? 6  DA  B H62    1 
ATOM   437 H  H2     . DA  B 2 6 ? -6.545  -3.064  1.556  1.00 0.00 ? 6  DA  B H2     1 
ATOM   438 P  P      . DG  B 2 7 ? -9.175  -0.628  8.903  1.00 0.00 ? 7  DG  B P      1 
ATOM   439 O  OP1    . DG  B 2 7 ? -10.245 0.338   9.236  1.00 0.00 ? 7  DG  B OP1    1 
ATOM   440 O  OP2    . DG  B 2 7 ? -8.642  -1.523  9.955  1.00 0.00 ? 7  DG  B OP2    1 
ATOM   441 O  "O5'"  . DG  B 2 7 ? -9.693  -1.543  7.681  1.00 0.00 ? 7  DG  B "O5'"  1 
ATOM   442 C  "C5'"  . DG  B 2 7 ? -10.349 -0.969  6.568  1.00 0.00 ? 7  DG  B "C5'"  1 
ATOM   443 C  "C4'"  . DG  B 2 7 ? -10.562 -2.021  5.478  1.00 0.00 ? 7  DG  B "C4'"  1 
ATOM   444 O  "O4'"  . DG  B 2 7 ? -9.317  -2.528  5.044  1.00 0.00 ? 7  DG  B "O4'"  1 
ATOM   445 C  "C3'"  . DG  B 2 7 ? -11.386 -3.223  5.949  1.00 0.00 ? 7  DG  B "C3'"  1 
ATOM   446 O  "O3'"  . DG  B 2 7 ? -12.714 -3.108  5.470  1.00 0.00 ? 7  DG  B "O3'"  1 
ATOM   447 C  "C2'"  . DG  B 2 7 ? -10.653 -4.420  5.340  1.00 0.00 ? 7  DG  B "C2'"  1 
ATOM   448 C  "C1'"  . DG  B 2 7 ? -9.571  -3.789  4.469  1.00 0.00 ? 7  DG  B "C1'"  1 
ATOM   449 N  N9     . DG  B 2 7 ? -8.354  -4.624  4.443  1.00 0.00 ? 7  DG  B N9     1 
ATOM   450 C  C8     . DG  B 2 7 ? -7.374  -4.747  5.395  1.00 0.00 ? 7  DG  B C8     1 
ATOM   451 N  N7     . DG  B 2 7 ? -6.427  -5.585  5.076  1.00 0.00 ? 7  DG  B N7     1 
ATOM   452 C  C5     . DG  B 2 7 ? -6.807  -6.060  3.826  1.00 0.00 ? 7  DG  B C5     1 
ATOM   453 C  C6     . DG  B 2 7 ? -6.165  -7.001  2.972  1.00 0.00 ? 7  DG  B C6     1 
ATOM   454 O  O6     . DG  B 2 7 ? -5.104  -7.594  3.159  1.00 0.00 ? 7  DG  B O6     1 
ATOM   455 N  N1     . DG  B 2 7 ? -6.887  -7.222  1.804  1.00 0.00 ? 7  DG  B N1     1 
ATOM   456 C  C2     . DG  B 2 7 ? -8.085  -6.607  1.491  1.00 0.00 ? 7  DG  B C2     1 
ATOM   457 N  N2     . DG  B 2 7 ? -8.659  -6.953  0.331  1.00 0.00 ? 7  DG  B N2     1 
ATOM   458 N  N3     . DG  B 2 7 ? -8.682  -5.711  2.288  1.00 0.00 ? 7  DG  B N3     1 
ATOM   459 C  C4     . DG  B 2 7 ? -7.991  -5.485  3.435  1.00 0.00 ? 7  DG  B C4     1 
ATOM   460 H  "H5'"  . DG  B 2 7 ? -9.740  -0.161  6.162  1.00 0.00 ? 7  DG  B "H5'"  1 
ATOM   461 H  "H5''" . DG  B 2 7 ? -11.315 -0.568  6.878  1.00 0.00 ? 7  DG  B "H5''" 1 
ATOM   462 H  "H4'"  . DG  B 2 7 ? -11.066 -1.558  4.628  1.00 0.00 ? 7  DG  B "H4'"  1 
ATOM   463 H  "H3'"  . DG  B 2 7 ? -11.379 -3.288  7.038  1.00 0.00 ? 7  DG  B "H3'"  1 
ATOM   464 H  "H2'"  . DG  B 2 7 ? -10.209 -5.029  6.127  1.00 0.00 ? 7  DG  B "H2'"  1 
ATOM   465 H  "H2''" . DG  B 2 7 ? -11.302 -5.028  4.717  1.00 0.00 ? 7  DG  B "H2''" 1 
ATOM   466 H  "H1'"  . DG  B 2 7 ? -9.960  -3.652  3.458  1.00 0.00 ? 7  DG  B "H1'"  1 
ATOM   467 H  H8     . DG  B 2 7 ? -7.383  -4.200  6.325  1.00 0.00 ? 7  DG  B H8     1 
ATOM   468 H  H1     . DG  B 2 7 ? -6.501  -7.887  1.148  1.00 0.00 ? 7  DG  B H1     1 
ATOM   469 H  H21    . DG  B 2 7 ? -8.216  -7.634  -0.270 1.00 0.00 ? 7  DG  B H21    1 
ATOM   470 H  H22    . DG  B 2 7 ? -9.537  -6.533  0.060  1.00 0.00 ? 7  DG  B H22    1 
ATOM   471 P  P      . DG  B 2 8 ? -13.873 -4.160  5.882  1.00 0.00 ? 8  DG  B P      1 
ATOM   472 O  OP1    . DG  B 2 8 ? -15.182 -3.550  5.559  1.00 0.00 ? 8  DG  B OP1    1 
ATOM   473 O  OP2    . DG  B 2 8 ? -13.604 -4.631  7.260  1.00 0.00 ? 8  DG  B OP2    1 
ATOM   474 O  "O5'"  . DG  B 2 8 ? -13.641 -5.399  4.876  1.00 0.00 ? 8  DG  B "O5'"  1 
ATOM   475 C  "C5'"  . DG  B 2 8 ? -13.914 -5.278  3.494  1.00 0.00 ? 8  DG  B "C5'"  1 
ATOM   476 C  "C4'"  . DG  B 2 8 ? -13.465 -6.537  2.751  1.00 0.00 ? 8  DG  B "C4'"  1 
ATOM   477 O  "O4'"  . DG  B 2 8 ? -12.066 -6.699  2.861  1.00 0.00 ? 8  DG  B "O4'"  1 
ATOM   478 C  "C3'"  . DG  B 2 8 ? -14.089 -7.820  3.307  1.00 0.00 ? 8  DG  B "C3'"  1 
ATOM   479 O  "O3'"  . DG  B 2 8 ? -15.145 -8.253  2.478  1.00 0.00 ? 8  DG  B "O3'"  1 
ATOM   480 C  "C2'"  . DG  B 2 8 ? -12.945 -8.832  3.277  1.00 0.00 ? 8  DG  B "C2'"  1 
ATOM   481 C  "C1'"  . DG  B 2 8 ? -11.786 -8.064  2.643  1.00 0.00 ? 8  DG  B "C1'"  1 
ATOM   482 N  N9     . DG  B 2 8 ? -10.496 -8.433  3.263  1.00 0.00 ? 8  DG  B N9     1 
ATOM   483 C  C8     . DG  B 2 8 ? -9.968  -8.016  4.459  1.00 0.00 ? 8  DG  B C8     1 
ATOM   484 N  N7     . DG  B 2 8 ? -8.800  -8.524  4.729  1.00 0.00 ? 8  DG  B N7     1 
ATOM   485 C  C5     . DG  B 2 8 ? -8.530  -9.343  3.638  1.00 0.00 ? 8  DG  B C5     1 
ATOM   486 C  C6     . DG  B 2 8 ? -7.392  -10.156 3.366  1.00 0.00 ? 8  DG  B C6     1 
ATOM   487 O  O6     . DG  B 2 8 ? -6.380  -10.298 4.047  1.00 0.00 ? 8  DG  B O6     1 
ATOM   488 N  N1     . DG  B 2 8 ? -7.520  -10.843 2.163  1.00 0.00 ? 8  DG  B N1     1 
ATOM   489 C  C2     . DG  B 2 8 ? -8.606  -10.748 1.313  1.00 0.00 ? 8  DG  B C2     1 
ATOM   490 N  N2     . DG  B 2 8 ? -8.566  -11.485 0.196  1.00 0.00 ? 8  DG  B N2     1 
ATOM   491 N  N3     . DG  B 2 8 ? -9.669  -9.970  1.561  1.00 0.00 ? 8  DG  B N3     1 
ATOM   492 C  C4     . DG  B 2 8 ? -9.566  -9.299  2.738  1.00 0.00 ? 8  DG  B C4     1 
ATOM   493 H  "H5'"  . DG  B 2 8 ? -13.375 -4.420  3.089  1.00 0.00 ? 8  DG  B "H5'"  1 
ATOM   494 H  "H5''" . DG  B 2 8 ? -14.984 -5.132  3.344  1.00 0.00 ? 8  DG  B "H5''" 1 
ATOM   495 H  "H4'"  . DG  B 2 8 ? -13.725 -6.444  1.696  1.00 0.00 ? 8  DG  B "H4'"  1 
ATOM   496 H  "H3'"  . DG  B 2 8 ? -14.446 -7.683  4.328  1.00 0.00 ? 8  DG  B "H3'"  1 
ATOM   497 H  "HO3'" . DG  B 2 8 ? -15.899 -7.522  2.491  1.00 0.00 ? 8  DG  B "HO3'" 1 
ATOM   498 H  "H2'"  . DG  B 2 8 ? -12.694 -9.148  4.290  1.00 0.00 ? 8  DG  B "H2'"  1 
ATOM   499 H  "H2''" . DG  B 2 8 ? -13.204 -9.698  2.667  1.00 0.00 ? 8  DG  B "H2''" 1 
ATOM   500 H  "H1'"  . DG  B 2 8 ? -11.766 -8.261  1.571  1.00 0.00 ? 8  DG  B "H1'"  1 
ATOM   501 H  H8     . DG  B 2 8 ? -10.476 -7.329  5.119  1.00 0.00 ? 8  DG  B H8     1 
ATOM   502 H  H1     . DG  B 2 8 ? -6.756  -11.453 1.904  1.00 0.00 ? 8  DG  B H1     1 
ATOM   503 H  H21    . DG  B 2 8 ? -7.772  -12.081 0.011  1.00 0.00 ? 8  DG  B H21    1 
ATOM   504 H  H22    . DG  B 2 8 ? -9.334  -11.449 -0.459 1.00 0.00 ? 8  DG  B H22    1 
HETATM 505 S  S      . 2PT C 3 . ? -0.545  -0.585  -4.247 1.00 0.00 ? 20 2PT B S      1 
HETATM 506 N  N6     . 2PT C 3 . ? 0.626   -2.640  -2.866 1.00 0.00 ? 20 2PT B N6     1 
HETATM 507 N  N7     . 2PT C 3 . ? -0.593  -3.189  -4.719 1.00 0.00 ? 20 2PT B N7     1 
HETATM 508 N  N8     . 2PT C 3 . ? 0.951   -0.728  0.363  1.00 0.00 ? 20 2PT B N8     1 
HETATM 509 N  N9     . 2PT C 3 . ? -1.403  2.255   1.986  1.00 0.00 ? 20 2PT B N9     1 
HETATM 510 C  C7     . 2PT C 3 . ? -0.120  -2.258  -3.903 1.00 0.00 ? 20 2PT B C7     1 
HETATM 511 C  C8     . 2PT C 3 . ? 1.230   -1.729  -1.875 1.00 0.00 ? 20 2PT B C8     1 
HETATM 512 C  C9     . 2PT C 3 . ? 0.658   -1.906  -0.465 1.00 0.00 ? 20 2PT B C9     1 
HETATM 513 C  C10    . 2PT C 3 . ? 0.146   0.253   0.841  1.00 0.00 ? 20 2PT B C10    1 
HETATM 514 C  C11    . 2PT C 3 . ? 0.553   0.881   2.049  1.00 0.00 ? 20 2PT B C11    1 
HETATM 515 C  C12    . 2PT C 3 . ? 1.724   0.484   2.731  1.00 0.00 ? 20 2PT B C12    1 
HETATM 516 C  C13    . 2PT C 3 . ? 2.097   1.109   3.930  1.00 0.00 ? 20 2PT B C13    1 
HETATM 517 C  C14    . 2PT C 3 . ? 1.314   2.140   4.461  1.00 0.00 ? 20 2PT B C14    1 
HETATM 518 C  C15    . 2PT C 3 . ? 0.150   2.543   3.798  1.00 0.00 ? 20 2PT B C15    1 
HETATM 519 C  C16    . 2PT C 3 . ? -0.226  1.912   2.603  1.00 0.00 ? 20 2PT B C16    1 
HETATM 520 C  C17    . 2PT C 3 . ? -1.861  1.653   0.839  1.00 0.00 ? 20 2PT B C17    1 
HETATM 521 C  C18    . 2PT C 3 . ? -3.077  2.071   0.277  1.00 0.00 ? 20 2PT B C18    1 
HETATM 522 C  C19    . 2PT C 3 . ? -3.521  1.511   -0.924 1.00 0.00 ? 20 2PT B C19    1 
HETATM 523 C  C20    . 2PT C 3 . ? -2.738  0.546   -1.565 1.00 0.00 ? 20 2PT B C20    1 
HETATM 524 C  C21    . 2PT C 3 . ? -1.525  0.128   -1.001 1.00 0.00 ? 20 2PT B C21    1 
HETATM 525 C  C22    . 2PT C 3 . ? -1.070  0.662   0.221  1.00 0.00 ? 20 2PT B C22    1 
HETATM 526 C  C23    . 2PT C 3 . ? 0.950   -4.055  -2.625 1.00 0.00 ? 20 2PT B C23    1 
HETATM 527 C  C24    . 2PT C 3 . ? -1.436  -2.916  -5.885 1.00 0.00 ? 20 2PT B C24    1 
HETATM 528 C  C5     . 2PT C 3 . ? 3.669   0.242   -6.158 1.00 0.00 ? 20 2PT B C5     1 
HETATM 529 C  C6     . 2PT C 3 . ? 4.053   1.395   -5.234 1.00 0.00 ? 20 2PT B C6     1 
HETATM 530 N  N5     . 2PT C 3 . ? 2.805   2.138   -4.871 1.00 0.00 ? 20 2PT B N5     1 
HETATM 531 PT PT     . 2PT C 3 . ? 1.264   0.792   -4.615 1.00 0.00 ? 20 2PT B PT     1 
HETATM 532 N  N4     . 2PT C 3 . ? 2.497   -0.461  -5.578 1.00 0.00 ? 20 2PT B N4     1 
HETATM 533 H  H7N    . 2PT C 3 . ? -0.357  -4.153  -4.532 1.00 0.00 ? 20 2PT B H7N    1 
HETATM 534 H  H8     . 2PT C 3 . ? 1.871   -0.784  0.771  1.00 0.00 ? 20 2PT B H8     1 
HETATM 535 H  H9     . 2PT C 3 . ? -1.974  2.975   2.409  1.00 0.00 ? 20 2PT B H9     1 
HETATM 536 H  H81    . 2PT C 3 . ? 1.098   -0.692  -2.154 1.00 0.00 ? 20 2PT B H81    1 
HETATM 537 H  H82    . 2PT C 3 . ? 2.302   -1.929  -1.843 1.00 0.00 ? 20 2PT B H82    1 
HETATM 538 H  H91    . 2PT C 3 . ? -0.400  -2.157  -0.465 1.00 0.00 ? 20 2PT B H91    1 
HETATM 539 H  H92    . 2PT C 3 . ? 1.179   -2.744  -0.002 1.00 0.00 ? 20 2PT B H92    1 
HETATM 540 H  H12    . 2PT C 3 . ? 2.362   -0.307  2.372  1.00 0.00 ? 20 2PT B H12    1 
HETATM 541 H  H13    . 2PT C 3 . ? 2.992   0.793   4.443  1.00 0.00 ? 20 2PT B H13    1 
HETATM 542 H  H14    . 2PT C 3 . ? 1.600   2.624   5.383  1.00 0.00 ? 20 2PT B H14    1 
HETATM 543 H  H15    . 2PT C 3 . ? -0.457  3.335   4.213  1.00 0.00 ? 20 2PT B H15    1 
HETATM 544 H  H18    . 2PT C 3 . ? -3.674  2.826   0.768  1.00 0.00 ? 20 2PT B H18    1 
HETATM 545 H  H19    . 2PT C 3 . ? -4.461  1.825   -1.351 1.00 0.00 ? 20 2PT B H19    1 
HETATM 546 H  H20    . 2PT C 3 . ? -3.070  0.119   -2.499 1.00 0.00 ? 20 2PT B H20    1 
HETATM 547 H  H21    . 2PT C 3 . ? -0.978  -0.606  -1.552 1.00 0.00 ? 20 2PT B H21    1 
HETATM 548 H  H231   . 2PT C 3 . ? 0.032   -4.611  -2.443 1.00 0.00 ? 20 2PT B H231   1 
HETATM 549 H  H232   . 2PT C 3 . ? 1.605   -4.153  -1.759 1.00 0.00 ? 20 2PT B H232   1 
HETATM 550 H  H233   . 2PT C 3 . ? 1.460   -4.463  -3.499 1.00 0.00 ? 20 2PT B H233   1 
HETATM 551 H  H241   . 2PT C 3 . ? -2.357  -2.426  -5.564 1.00 0.00 ? 20 2PT B H241   1 
HETATM 552 H  H242   . 2PT C 3 . ? -1.680  -3.859  -6.374 1.00 0.00 ? 20 2PT B H242   1 
HETATM 553 H  H243   . 2PT C 3 . ? -0.899  -2.274  -6.584 1.00 0.00 ? 20 2PT B H243   1 
HETATM 554 H  H51    . 2PT C 3 . ? 3.424   0.632   -7.147 1.00 0.00 ? 20 2PT B H51    1 
HETATM 555 H  H52    . 2PT C 3 . ? 4.511   -0.446  -6.245 1.00 0.00 ? 20 2PT B H52    1 
HETATM 556 H  H61    . 2PT C 3 . ? 4.744   2.063   -5.750 1.00 0.00 ? 20 2PT B H61    1 
HETATM 557 H  H62    . 2PT C 3 . ? 4.532   1.005   -4.335 1.00 0.00 ? 20 2PT B H62    1 
HETATM 558 H  HN51   . 2PT C 3 . ? 2.569   2.785   -5.613 1.00 0.00 ? 20 2PT B HN51   1 
HETATM 559 H  H41    . 2PT C 3 . ? 2.799   -1.101  -4.989 1.00 0.00 ? 20 2PT B H41    1 
HETATM 560 H  HN52   . 2PT C 3 . ? 2.953   2.651   -4.011 1.00 0.00 ? 20 2PT B HN52   1 
HETATM 561 H  H42    . 2PT C 3 . ? 2.037   -0.876  -6.259 1.00 0.00 ? 20 2PT B H42    1 
# 
